data_1ATH
#
_entry.id   1ATH
#
_cell.length_a   90.950
_cell.length_b   101.170
_cell.length_c   69.519
_cell.angle_alpha   90.00
_cell.angle_beta   105.96
_cell.angle_gamma   90.00
#
_symmetry.space_group_name_H-M   'P 1 21 1'
#
_entity_poly.entity_id   1
_entity_poly.type   'polypeptide(L)'
_entity_poly.pdbx_seq_one_letter_code
;HGSPVDICTAKPRDIPMNPMCIYRSPEKKATEDEGSEQKIPEATNRRVWELSKANSRFATTFYQHLADSKNDNDNIFLSP
LSISTAFAMTKLGACNDTLQQLMEVFKFDTISEKTSDQIHFFFAKLNCRLYRKANKSSKLVSANRLFGDKSLTFNETYQD
ISELVYGAKLQPLDFKENAEQSRAAINKWVSNKTEGRITDVIPSEAINELTVLVLVNTIYFKGLWKSKFSPENTRKELFY
KADGESCSASMMYQEGKFRYRRVAEGTQVLELPFKGDDITMVLILPKPEKSLAKVEKELTPEVLQEWLDELEEMMLVVHM
PRFRIEDGFSLKEQLQDMGLVDLFSPEKSKLPGIVAEGRDDLYVSDAFHKAFLEVNEEGSEAAASTAVVIAGRSLNPNRV
TFKANRPFLVFIREVPLNTIIFMGRVANPCVK
;
_entity_poly.pdbx_strand_id   A,B
#
# COMPACT_ATOMS: atom_id res chain seq x y z
N ILE A 7 9.75 33.20 9.49
CA ILE A 7 10.05 34.59 9.20
C ILE A 7 10.98 34.57 8.00
N CYS A 8 11.95 33.65 7.98
CA CYS A 8 12.74 33.33 6.81
C CYS A 8 13.45 34.44 6.05
N THR A 9 13.45 35.66 6.58
CA THR A 9 14.12 36.82 6.00
C THR A 9 14.57 37.66 7.19
N CYS A 21 17.83 43.49 28.90
CA CYS A 21 18.32 42.27 29.51
C CYS A 21 18.85 41.19 28.58
N ILE A 22 20.07 40.75 28.84
CA ILE A 22 20.73 39.74 28.05
C ILE A 22 21.43 38.82 29.03
N TYR A 23 21.40 37.54 28.74
CA TYR A 23 22.25 36.61 29.44
C TYR A 23 23.27 36.23 28.36
N ARG A 24 24.49 35.97 28.81
CA ARG A 24 25.65 35.58 28.00
C ARG A 24 25.95 36.49 26.83
N ARG A 46 24.60 24.75 11.66
CA ARG A 46 23.78 25.94 11.62
C ARG A 46 22.97 26.11 12.90
N ARG A 47 22.46 27.33 13.04
CA ARG A 47 21.70 27.75 14.21
C ARG A 47 20.57 26.79 14.58
N VAL A 48 19.77 26.33 13.61
CA VAL A 48 18.72 25.35 13.86
C VAL A 48 19.27 24.05 14.44
N TRP A 49 20.46 23.63 14.06
CA TRP A 49 21.02 22.38 14.56
C TRP A 49 21.46 22.55 16.00
N GLU A 50 21.93 23.75 16.32
CA GLU A 50 22.32 24.03 17.69
C GLU A 50 21.09 24.06 18.59
N LEU A 51 20.08 24.84 18.23
CA LEU A 51 18.90 24.95 19.06
C LEU A 51 18.21 23.62 19.16
N SER A 52 18.11 22.80 18.10
CA SER A 52 17.47 21.49 18.17
C SER A 52 18.16 20.64 19.23
N LYS A 53 19.51 20.72 19.30
CA LYS A 53 20.26 20.00 20.32
C LYS A 53 19.87 20.45 21.70
N ALA A 54 19.83 21.77 21.95
CA ALA A 54 19.43 22.31 23.26
C ALA A 54 18.06 21.78 23.65
N ASN A 55 17.10 21.96 22.73
CA ASN A 55 15.72 21.52 22.93
C ASN A 55 15.65 20.02 23.23
N SER A 56 16.54 19.23 22.63
CA SER A 56 16.55 17.82 22.90
C SER A 56 17.06 17.50 24.28
N ARG A 57 18.11 18.17 24.81
CA ARG A 57 18.56 17.88 26.15
C ARG A 57 17.48 18.23 27.15
N PHE A 58 16.83 19.40 27.03
CA PHE A 58 15.74 19.71 27.96
C PHE A 58 14.71 18.59 27.85
N ALA A 59 14.31 18.25 26.63
CA ALA A 59 13.27 17.26 26.42
C ALA A 59 13.52 15.95 27.15
N THR A 60 14.77 15.48 27.12
CA THR A 60 15.09 14.25 27.78
C THR A 60 14.93 14.41 29.28
N THR A 61 15.61 15.41 29.85
CA THR A 61 15.58 15.67 31.28
C THR A 61 14.16 15.90 31.83
N PHE A 62 13.33 16.67 31.12
CA PHE A 62 11.97 16.92 31.56
C PHE A 62 11.20 15.60 31.48
N TYR A 63 11.48 14.72 30.49
CA TYR A 63 10.76 13.47 30.39
C TYR A 63 11.19 12.63 31.57
N GLN A 64 12.50 12.46 31.79
CA GLN A 64 13.02 11.64 32.86
C GLN A 64 12.43 12.06 34.20
N HIS A 65 12.37 13.35 34.49
CA HIS A 65 11.73 13.84 35.72
C HIS A 65 10.24 13.46 35.73
N LEU A 66 9.48 13.78 34.70
CA LEU A 66 8.05 13.52 34.66
C LEU A 66 7.78 12.04 34.81
N ALA A 67 8.65 11.23 34.23
CA ALA A 67 8.51 9.79 34.26
C ALA A 67 8.82 9.31 35.65
N ASP A 68 9.84 9.89 36.27
CA ASP A 68 10.29 9.56 37.61
C ASP A 68 9.17 9.74 38.62
N SER A 69 8.41 10.80 38.38
CA SER A 69 7.25 11.10 39.17
C SER A 69 6.12 10.09 39.04
N LYS A 70 6.12 9.10 38.13
CA LYS A 70 4.93 8.30 37.89
C LYS A 70 5.01 6.81 38.06
N ASN A 71 3.82 6.25 38.29
CA ASN A 71 3.65 4.82 38.38
C ASN A 71 3.83 4.32 36.96
N ASP A 72 4.70 3.34 36.87
CA ASP A 72 5.04 2.70 35.63
C ASP A 72 3.93 2.29 34.68
N ASN A 73 2.76 1.88 35.16
CA ASN A 73 1.71 1.48 34.25
C ASN A 73 0.95 2.67 33.75
N ASP A 74 1.48 3.88 33.82
CA ASP A 74 0.73 5.00 33.35
C ASP A 74 1.30 5.45 32.04
N ASN A 75 0.40 5.81 31.12
CA ASN A 75 0.80 6.30 29.81
C ASN A 75 1.25 7.75 29.90
N ILE A 76 2.27 8.13 29.16
CA ILE A 76 2.77 9.51 29.17
C ILE A 76 2.74 10.03 27.74
N PHE A 77 2.39 11.29 27.51
CA PHE A 77 2.52 11.86 26.19
C PHE A 77 2.60 13.36 26.34
N LEU A 78 3.62 14.02 25.78
CA LEU A 78 3.75 15.47 25.87
C LEU A 78 4.63 16.02 24.77
N SER A 79 4.41 17.26 24.32
CA SER A 79 5.28 17.90 23.35
C SER A 79 6.35 18.79 24.01
N PRO A 80 7.58 18.41 24.29
CA PRO A 80 8.65 19.33 24.65
C PRO A 80 8.78 20.57 23.79
N LEU A 81 8.59 20.49 22.46
CA LEU A 81 8.78 21.65 21.61
C LEU A 81 7.77 22.71 21.97
N SER A 82 6.46 22.49 22.15
CA SER A 82 5.59 23.59 22.59
C SER A 82 6.06 24.16 23.91
N ILE A 83 6.40 23.34 24.90
CA ILE A 83 6.95 23.83 26.16
C ILE A 83 8.18 24.74 25.91
N SER A 84 9.31 24.28 25.36
CA SER A 84 10.47 25.12 25.13
C SER A 84 10.14 26.35 24.32
N THR A 85 9.26 26.23 23.33
CA THR A 85 8.87 27.36 22.52
C THR A 85 8.04 28.38 23.31
N ALA A 86 7.11 27.93 24.16
CA ALA A 86 6.19 28.83 24.85
C ALA A 86 7.01 29.65 25.80
N PHE A 87 7.91 28.99 26.52
CA PHE A 87 8.71 29.72 27.47
C PHE A 87 9.76 30.59 26.80
N ALA A 88 10.29 30.24 25.62
CA ALA A 88 11.25 31.10 24.92
C ALA A 88 10.55 32.37 24.48
N MET A 89 9.27 32.27 24.14
CA MET A 89 8.44 33.42 23.82
C MET A 89 8.22 34.25 25.09
N THR A 90 7.92 33.65 26.24
CA THR A 90 7.78 34.35 27.52
C THR A 90 9.08 35.02 27.95
N LYS A 91 10.25 34.39 27.74
CA LYS A 91 11.54 34.93 28.10
C LYS A 91 11.75 36.29 27.50
N LEU A 92 11.09 36.54 26.36
CA LEU A 92 11.13 37.84 25.72
C LEU A 92 10.85 38.99 26.69
N GLY A 93 10.02 38.77 27.70
CA GLY A 93 9.68 39.83 28.62
C GLY A 93 10.40 39.81 29.97
N ALA A 94 11.25 38.82 30.23
CA ALA A 94 11.84 38.73 31.54
C ALA A 94 13.18 39.45 31.58
N CYS A 95 13.64 39.68 32.80
CA CYS A 95 14.88 40.37 33.06
C CYS A 95 15.63 39.80 34.23
N ASN A 96 16.82 40.39 34.38
CA ASN A 96 17.72 40.15 35.50
C ASN A 96 17.78 38.69 35.89
N ASP A 97 17.32 38.22 37.04
CA ASP A 97 17.49 36.83 37.35
C ASP A 97 16.49 35.88 36.72
N THR A 98 15.27 36.31 36.43
CA THR A 98 14.28 35.44 35.83
C THR A 98 14.78 34.92 34.49
N LEU A 99 15.25 35.88 33.69
CA LEU A 99 15.81 35.61 32.38
C LEU A 99 16.93 34.57 32.44
N GLN A 100 17.81 34.88 33.39
CA GLN A 100 19.01 34.11 33.62
C GLN A 100 18.65 32.65 33.86
N GLN A 101 17.62 32.36 34.67
CA GLN A 101 17.28 30.96 34.87
C GLN A 101 16.38 30.40 33.79
N LEU A 102 15.63 31.18 32.98
CA LEU A 102 14.86 30.58 31.90
C LEU A 102 15.87 30.03 30.92
N MET A 103 16.89 30.84 30.66
CA MET A 103 17.97 30.44 29.77
C MET A 103 18.59 29.15 30.25
N GLU A 104 18.68 28.98 31.55
CA GLU A 104 19.30 27.77 32.07
C GLU A 104 18.42 26.52 32.24
N VAL A 105 17.14 26.64 32.61
CA VAL A 105 16.29 25.47 32.84
C VAL A 105 16.03 24.79 31.50
N PHE A 106 15.72 25.59 30.49
CA PHE A 106 15.43 25.05 29.18
C PHE A 106 16.70 24.79 28.37
N LYS A 107 17.85 24.79 29.03
CA LYS A 107 19.16 24.57 28.44
C LYS A 107 19.58 25.49 27.30
N PHE A 108 18.95 26.64 27.01
CA PHE A 108 19.37 27.46 25.87
C PHE A 108 20.77 28.02 26.03
N ASP A 109 21.26 28.03 27.28
CA ASP A 109 22.61 28.46 27.58
C ASP A 109 23.66 27.53 27.01
N THR A 110 23.29 26.34 26.52
CA THR A 110 24.21 25.44 25.86
C THR A 110 24.62 25.99 24.51
N ILE A 111 23.89 26.95 23.93
CA ILE A 111 24.25 27.50 22.64
C ILE A 111 25.34 28.52 22.91
N SER A 112 26.55 27.99 22.84
CA SER A 112 27.75 28.75 23.09
C SER A 112 27.89 29.92 22.14
N GLU A 113 28.50 30.91 22.80
CA GLU A 113 28.85 32.22 22.27
C GLU A 113 27.64 33.02 21.83
N LYS A 114 26.45 32.63 22.28
CA LYS A 114 25.25 33.33 21.91
C LYS A 114 24.65 33.99 23.15
N THR A 115 23.99 35.11 22.86
CA THR A 115 23.34 35.94 23.84
C THR A 115 21.85 35.58 23.82
N SER A 116 21.09 35.78 24.90
CA SER A 116 19.66 35.48 24.92
C SER A 116 18.81 36.02 23.77
N ASP A 117 19.14 37.18 23.23
CA ASP A 117 18.41 37.71 22.09
C ASP A 117 18.58 36.82 20.87
N GLN A 118 19.80 36.29 20.68
CA GLN A 118 20.12 35.41 19.56
C GLN A 118 19.19 34.20 19.48
N ILE A 119 18.76 33.71 20.64
CA ILE A 119 17.86 32.58 20.77
C ILE A 119 16.57 32.84 19.97
N HIS A 120 16.04 34.07 19.97
CA HIS A 120 14.79 34.29 19.27
C HIS A 120 14.99 34.30 17.78
N PHE A 121 16.18 34.62 17.27
CA PHE A 121 16.42 34.50 15.85
C PHE A 121 16.41 33.01 15.52
N PHE A 122 17.10 32.19 16.31
CA PHE A 122 17.18 30.76 16.04
C PHE A 122 15.79 30.18 16.05
N PHE A 123 14.98 30.56 17.03
CA PHE A 123 13.59 30.12 17.07
C PHE A 123 12.80 30.63 15.87
N ALA A 124 13.13 31.81 15.34
CA ALA A 124 12.46 32.33 14.16
C ALA A 124 12.73 31.43 12.98
N LYS A 125 13.98 30.98 12.86
CA LYS A 125 14.37 30.09 11.78
C LYS A 125 13.73 28.73 11.90
N LEU A 126 13.93 28.11 13.06
CA LEU A 126 13.34 26.82 13.34
C LEU A 126 11.84 26.83 13.09
N ASN A 127 11.14 27.85 13.55
CA ASN A 127 9.70 27.96 13.35
C ASN A 127 9.24 28.08 11.91
N CYS A 128 9.94 28.89 11.11
CA CYS A 128 9.63 29.10 9.71
C CYS A 128 9.52 27.74 9.04
N ARG A 129 10.64 27.01 9.23
CA ARG A 129 10.85 25.70 8.65
C ARG A 129 9.78 24.74 9.15
N LEU A 130 9.57 24.66 10.45
CA LEU A 130 8.55 23.76 10.98
C LEU A 130 7.11 24.00 10.55
N TYR A 131 6.70 25.24 10.36
CA TYR A 131 5.28 25.45 10.13
C TYR A 131 5.04 25.97 8.73
N ARG A 132 5.61 25.18 7.81
CA ARG A 132 5.63 25.36 6.35
C ARG A 132 4.33 25.96 5.78
N SER A 137 0.86 15.80 3.84
CA SER A 137 -0.10 15.14 4.71
C SER A 137 0.31 15.12 6.18
N SER A 138 0.96 16.20 6.61
CA SER A 138 1.39 16.34 7.98
C SER A 138 1.03 17.74 8.41
N LYS A 139 0.06 17.86 9.29
CA LYS A 139 -0.34 19.14 9.85
C LYS A 139 0.32 19.32 11.21
N LEU A 140 0.89 20.49 11.45
CA LEU A 140 1.48 20.85 12.70
C LEU A 140 0.82 22.20 12.99
N VAL A 141 -0.02 22.32 14.03
CA VAL A 141 -0.74 23.55 14.37
C VAL A 141 -0.27 23.91 15.77
N SER A 142 0.20 25.13 16.01
CA SER A 142 0.67 25.48 17.34
C SER A 142 -0.28 26.39 18.12
N ALA A 143 -0.93 25.91 19.16
CA ALA A 143 -1.81 26.78 19.93
C ALA A 143 -0.94 27.24 21.10
N ASN A 144 -0.57 28.50 21.12
CA ASN A 144 0.32 29.00 22.15
C ASN A 144 -0.06 30.38 22.55
N ARG A 145 -0.26 30.70 23.81
CA ARG A 145 -0.67 32.04 24.19
C ARG A 145 -0.35 32.35 25.64
N LEU A 146 -0.36 33.67 25.86
CA LEU A 146 -0.15 34.29 27.15
C LEU A 146 -1.36 35.21 27.33
N PHE A 147 -2.22 34.90 28.30
CA PHE A 147 -3.44 35.64 28.59
C PHE A 147 -3.31 36.36 29.91
N GLY A 148 -3.80 37.58 30.05
CA GLY A 148 -3.79 38.26 31.33
C GLY A 148 -4.46 39.61 31.34
N ASP A 149 -5.15 40.01 32.43
CA ASP A 149 -5.74 41.35 32.54
C ASP A 149 -6.46 41.67 33.85
N LYS A 150 -5.80 42.76 34.22
CA LYS A 150 -6.03 43.62 35.37
C LYS A 150 -5.13 44.77 34.90
N SER A 151 -5.58 45.46 33.84
CA SER A 151 -4.84 46.49 33.13
C SER A 151 -3.35 46.22 32.90
N LEU A 152 -3.19 45.01 32.37
CA LEU A 152 -1.88 44.52 32.04
C LEU A 152 -1.56 44.98 30.62
N THR A 153 -0.64 45.91 30.43
CA THR A 153 -0.24 46.36 29.11
C THR A 153 1.10 45.74 28.74
N PHE A 154 1.18 45.01 27.64
CA PHE A 154 2.43 44.41 27.24
C PHE A 154 3.27 45.48 26.51
N ASN A 155 4.60 45.46 26.63
CA ASN A 155 5.43 46.45 25.96
C ASN A 155 5.29 46.19 24.48
N GLU A 156 5.21 47.28 23.72
CA GLU A 156 5.13 47.32 22.26
C GLU A 156 5.99 46.25 21.61
N THR A 157 7.28 46.23 21.91
CA THR A 157 8.19 45.28 21.29
C THR A 157 7.98 43.84 21.73
N TYR A 158 7.54 43.59 22.96
CA TYR A 158 7.23 42.25 23.43
C TYR A 158 6.17 41.74 22.46
N GLN A 159 5.07 42.52 22.38
CA GLN A 159 3.93 42.28 21.49
C GLN A 159 4.38 41.94 20.09
N ASP A 160 5.21 42.81 19.50
CA ASP A 160 5.68 42.62 18.15
C ASP A 160 6.59 41.42 17.97
N ILE A 161 7.54 41.10 18.82
CA ILE A 161 8.41 39.96 18.53
C ILE A 161 7.64 38.67 18.79
N SER A 162 6.71 38.63 19.76
CA SER A 162 5.91 37.44 19.98
C SER A 162 5.05 37.18 18.75
N GLU A 163 4.52 38.26 18.21
CA GLU A 163 3.74 38.22 17.01
C GLU A 163 4.60 37.77 15.84
N LEU A 164 5.78 38.34 15.63
CA LEU A 164 6.61 37.97 14.51
C LEU A 164 7.30 36.62 14.68
N VAL A 165 8.23 36.47 15.62
CA VAL A 165 8.97 35.23 15.75
C VAL A 165 8.15 34.06 16.27
N TYR A 166 7.18 34.23 17.16
CA TYR A 166 6.48 33.06 17.67
C TYR A 166 5.04 32.89 17.24
N GLY A 167 4.47 33.89 16.57
CA GLY A 167 3.10 33.86 16.08
C GLY A 167 2.10 33.88 17.23
N ALA A 168 2.48 34.46 18.35
CA ALA A 168 1.63 34.43 19.52
C ALA A 168 0.96 35.76 19.63
N LYS A 169 -0.22 35.75 20.23
CA LYS A 169 -0.85 36.98 20.60
C LYS A 169 -0.78 36.98 22.11
N LEU A 170 -0.52 38.15 22.68
CA LEU A 170 -0.50 38.32 24.12
C LEU A 170 -1.89 38.88 24.34
N GLN A 171 -2.83 38.05 24.77
CA GLN A 171 -4.20 38.47 24.82
C GLN A 171 -4.68 38.97 26.19
N PRO A 172 -5.12 40.24 26.27
CA PRO A 172 -5.89 40.79 27.38
C PRO A 172 -7.21 40.08 27.56
N LEU A 173 -7.37 39.48 28.73
CA LEU A 173 -8.60 38.77 29.07
C LEU A 173 -9.09 39.22 30.42
N ASP A 174 -10.37 39.55 30.60
CA ASP A 174 -10.85 40.03 31.88
C ASP A 174 -10.92 38.96 32.97
N PHE A 175 -9.79 38.67 33.60
CA PHE A 175 -9.78 37.69 34.68
C PHE A 175 -10.47 38.26 35.89
N LYS A 176 -10.28 39.57 36.10
CA LYS A 176 -10.83 40.30 37.24
C LYS A 176 -12.33 40.22 37.47
N GLU A 177 -13.14 40.77 36.57
CA GLU A 177 -14.58 40.74 36.76
C GLU A 177 -15.24 39.44 36.31
N ASN A 178 -14.74 38.75 35.28
CA ASN A 178 -15.39 37.51 34.85
C ASN A 178 -14.43 36.40 34.46
N ALA A 179 -13.93 35.74 35.50
CA ALA A 179 -13.02 34.62 35.33
C ALA A 179 -13.64 33.44 34.59
N GLU A 180 -14.90 33.08 34.84
CA GLU A 180 -15.49 31.91 34.20
C GLU A 180 -15.52 32.11 32.69
N GLN A 181 -15.95 33.27 32.19
CA GLN A 181 -15.96 33.49 30.75
C GLN A 181 -14.55 33.49 30.20
N SER A 182 -13.58 34.05 30.93
CA SER A 182 -12.19 34.01 30.52
C SER A 182 -11.70 32.58 30.35
N ARG A 183 -11.92 31.72 31.34
CA ARG A 183 -11.53 30.32 31.25
C ARG A 183 -12.20 29.70 30.01
N ALA A 184 -13.52 29.79 29.93
CA ALA A 184 -14.28 29.29 28.79
C ALA A 184 -13.72 29.74 27.46
N ALA A 185 -13.35 31.01 27.41
CA ALA A 185 -12.81 31.60 26.20
C ALA A 185 -11.47 31.00 25.81
N ILE A 186 -10.63 30.71 26.80
CA ILE A 186 -9.32 30.18 26.52
C ILE A 186 -9.53 28.80 25.93
N ASN A 187 -10.31 28.01 26.64
CA ASN A 187 -10.56 26.64 26.27
C ASN A 187 -11.19 26.54 24.88
N LYS A 188 -12.07 27.49 24.53
CA LYS A 188 -12.62 27.53 23.19
C LYS A 188 -11.55 27.85 22.18
N TRP A 189 -10.63 28.77 22.44
CA TRP A 189 -9.61 29.07 21.47
C TRP A 189 -8.76 27.85 21.16
N VAL A 190 -8.34 27.10 22.19
CA VAL A 190 -7.53 25.90 21.94
C VAL A 190 -8.38 24.92 21.15
N SER A 191 -9.57 24.49 21.60
CA SER A 191 -10.34 23.53 20.82
C SER A 191 -10.58 23.93 19.39
N ASN A 192 -10.63 25.22 19.07
CA ASN A 192 -10.71 25.67 17.69
C ASN A 192 -9.37 25.32 17.04
N LYS A 193 -8.20 25.81 17.48
CA LYS A 193 -6.90 25.50 16.89
C LYS A 193 -6.60 24.02 16.71
N THR A 194 -6.99 23.18 17.65
CA THR A 194 -6.73 21.74 17.60
C THR A 194 -7.83 20.90 16.96
N GLU A 195 -8.68 21.56 16.17
CA GLU A 195 -9.80 21.01 15.42
C GLU A 195 -10.79 20.20 16.27
N GLY A 196 -10.95 20.51 17.55
CA GLY A 196 -11.93 19.81 18.37
C GLY A 196 -11.31 18.83 19.34
N ARG A 197 -10.11 18.35 19.12
CA ARG A 197 -9.47 17.50 20.11
C ARG A 197 -8.83 18.45 21.13
N ILE A 198 -8.59 18.18 22.43
CA ILE A 198 -7.97 19.09 23.44
C ILE A 198 -8.87 20.29 23.75
N THR A 199 -9.78 19.95 24.62
CA THR A 199 -10.78 20.89 25.06
C THR A 199 -10.56 21.48 26.43
N ASP A 200 -10.29 20.63 27.42
CA ASP A 200 -10.22 21.13 28.77
C ASP A 200 -8.77 21.42 29.08
N VAL A 201 -8.22 22.53 28.58
CA VAL A 201 -6.82 22.83 28.83
C VAL A 201 -6.71 23.35 30.23
N ILE A 202 -7.51 24.39 30.48
CA ILE A 202 -7.52 25.01 31.77
C ILE A 202 -8.69 24.36 32.47
N PRO A 203 -8.39 23.68 33.57
CA PRO A 203 -9.28 22.71 34.17
C PRO A 203 -10.57 23.23 34.75
N SER A 204 -10.53 24.22 35.65
CA SER A 204 -11.70 24.81 36.32
C SER A 204 -11.16 25.81 37.33
N GLU A 205 -10.84 25.35 38.54
CA GLU A 205 -10.43 26.19 39.64
C GLU A 205 -9.16 27.02 39.47
N ALA A 206 -8.28 26.54 38.60
CA ALA A 206 -7.00 27.17 38.40
C ALA A 206 -7.00 28.64 38.01
N ILE A 207 -8.09 29.19 37.51
CA ILE A 207 -8.18 30.59 37.17
C ILE A 207 -9.32 31.12 38.00
N ASN A 208 -9.22 32.37 38.43
CA ASN A 208 -10.22 33.01 39.28
C ASN A 208 -9.91 34.49 39.29
N GLU A 209 -10.68 35.32 39.98
CA GLU A 209 -10.43 36.75 39.99
C GLU A 209 -9.06 37.21 40.53
N LEU A 210 -8.15 36.30 40.90
CA LEU A 210 -6.81 36.68 41.32
C LEU A 210 -5.72 36.37 40.31
N THR A 211 -6.03 35.79 39.14
CA THR A 211 -4.97 35.48 38.21
C THR A 211 -4.49 36.68 37.42
N VAL A 212 -3.18 36.72 37.21
CA VAL A 212 -2.57 37.82 36.49
C VAL A 212 -2.28 37.38 35.07
N LEU A 213 -1.27 36.54 34.88
CA LEU A 213 -0.89 35.99 33.59
C LEU A 213 -1.02 34.48 33.68
N VAL A 214 -1.52 33.78 32.69
CA VAL A 214 -1.50 32.33 32.69
C VAL A 214 -0.90 31.95 31.33
N LEU A 215 -0.14 30.88 31.12
CA LEU A 215 0.40 30.54 29.80
C LEU A 215 -0.14 29.17 29.37
N VAL A 216 -0.56 29.05 28.11
CA VAL A 216 -1.19 27.85 27.60
C VAL A 216 -0.53 27.50 26.29
N ASN A 217 -0.12 26.26 26.13
CA ASN A 217 0.53 25.83 24.90
C ASN A 217 0.29 24.37 24.55
N THR A 218 0.23 24.09 23.25
CA THR A 218 0.13 22.75 22.69
C THR A 218 0.52 22.78 21.22
N ILE A 219 0.82 21.62 20.67
CA ILE A 219 1.12 21.46 19.25
C ILE A 219 0.17 20.34 18.84
N TYR A 220 -0.43 20.50 17.67
CA TYR A 220 -1.40 19.57 17.17
C TYR A 220 -0.83 19.01 15.88
N PHE A 221 -0.91 17.70 15.73
CA PHE A 221 -0.35 17.05 14.57
C PHE A 221 -1.36 16.07 14.06
N LYS A 222 -1.55 16.06 12.75
CA LYS A 222 -2.54 15.22 12.12
C LYS A 222 -1.72 14.65 10.97
N GLY A 223 -1.62 13.34 10.77
CA GLY A 223 -0.72 12.83 9.74
C GLY A 223 -1.06 11.40 9.36
N LEU A 224 -0.78 11.09 8.09
CA LEU A 224 -1.10 9.76 7.56
C LEU A 224 0.16 8.93 7.48
N TRP A 225 0.03 7.62 7.63
CA TRP A 225 1.17 6.72 7.61
C TRP A 225 1.73 6.65 6.19
N LYS A 226 3.03 6.41 6.05
CA LYS A 226 3.58 6.15 4.73
C LYS A 226 3.15 4.75 4.34
N SER A 227 3.29 3.80 5.26
CA SER A 227 2.91 2.43 4.98
C SER A 227 1.76 2.15 5.90
N LYS A 228 0.53 2.29 5.39
CA LYS A 228 -0.67 2.06 6.18
C LYS A 228 -0.85 0.59 6.53
N PHE A 229 -1.50 0.26 7.64
CA PHE A 229 -1.78 -1.13 7.97
C PHE A 229 -3.15 -1.43 7.37
N SER A 230 -3.54 -2.69 7.17
CA SER A 230 -4.88 -2.96 6.64
C SER A 230 -5.71 -3.42 7.81
N PRO A 231 -6.87 -2.81 8.09
CA PRO A 231 -7.80 -3.21 9.14
C PRO A 231 -8.14 -4.70 9.24
N GLU A 232 -8.10 -5.41 8.13
CA GLU A 232 -8.41 -6.82 8.12
C GLU A 232 -7.37 -7.63 8.91
N ASN A 233 -6.26 -7.04 9.35
CA ASN A 233 -5.26 -7.74 10.15
C ASN A 233 -4.98 -6.79 11.30
N THR A 234 -5.98 -6.76 12.17
CA THR A 234 -5.92 -6.05 13.42
C THR A 234 -6.63 -7.15 14.19
N ARG A 235 -5.96 -7.67 15.21
CA ARG A 235 -6.43 -8.83 15.94
C ARG A 235 -6.25 -8.57 17.43
N LYS A 236 -7.19 -9.00 18.27
CA LYS A 236 -7.03 -8.80 19.70
C LYS A 236 -5.91 -9.68 20.16
N GLU A 237 -4.94 -9.10 20.85
CA GLU A 237 -3.82 -9.85 21.36
C GLU A 237 -3.49 -9.32 22.74
N LEU A 238 -2.55 -10.04 23.35
CA LEU A 238 -2.14 -9.78 24.69
C LEU A 238 -0.93 -8.89 24.84
N PHE A 239 -1.25 -7.83 25.55
CA PHE A 239 -0.30 -6.84 25.97
C PHE A 239 0.08 -7.31 27.38
N TYR A 240 1.36 -7.28 27.73
CA TYR A 240 1.82 -7.72 29.05
C TYR A 240 2.37 -6.53 29.84
N LYS A 241 1.52 -6.02 30.73
CA LYS A 241 1.77 -4.82 31.54
C LYS A 241 3.03 -4.81 32.37
N ALA A 242 3.43 -3.58 32.77
CA ALA A 242 4.66 -3.36 33.52
C ALA A 242 4.72 -4.19 34.79
N ASP A 243 3.56 -4.37 35.40
CA ASP A 243 3.50 -5.36 36.42
C ASP A 243 2.17 -6.06 36.37
N GLY A 244 2.56 -7.25 35.90
CA GLY A 244 1.70 -8.40 35.85
C GLY A 244 0.77 -8.54 34.67
N GLU A 245 -0.39 -7.89 34.81
CA GLU A 245 -1.55 -8.10 33.95
C GLU A 245 -1.36 -8.24 32.44
N SER A 246 -2.09 -9.23 31.96
CA SER A 246 -2.20 -9.50 30.54
C SER A 246 -3.48 -8.75 30.22
N CYS A 247 -3.61 -8.07 29.10
CA CYS A 247 -4.88 -7.49 28.73
C CYS A 247 -4.96 -7.36 27.22
N SER A 248 -6.17 -7.15 26.69
CA SER A 248 -6.38 -7.10 25.26
C SER A 248 -6.39 -5.76 24.54
N ALA A 249 -5.36 -5.69 23.73
CA ALA A 249 -5.13 -4.54 22.88
C ALA A 249 -5.48 -5.03 21.49
N SER A 250 -5.90 -4.11 20.64
CA SER A 250 -6.07 -4.44 19.24
C SER A 250 -4.68 -4.21 18.64
N MET A 251 -4.06 -5.30 18.23
CA MET A 251 -2.72 -5.30 17.69
C MET A 251 -2.84 -5.16 16.19
N MET A 252 -2.05 -4.27 15.61
CA MET A 252 -2.03 -4.07 14.17
C MET A 252 -0.87 -4.88 13.57
N TYR A 253 -0.86 -5.29 12.29
CA TYR A 253 0.23 -6.08 11.72
C TYR A 253 0.52 -5.68 10.31
N GLN A 254 1.80 -5.69 9.93
CA GLN A 254 2.19 -5.47 8.55
C GLN A 254 3.64 -5.89 8.38
N GLU A 255 4.07 -6.23 7.17
CA GLU A 255 5.46 -6.55 6.88
C GLU A 255 5.83 -5.45 5.91
N GLY A 256 7.01 -4.89 5.99
CA GLY A 256 7.35 -3.78 5.12
C GLY A 256 8.79 -3.45 5.40
N LYS A 257 9.29 -2.46 4.69
CA LYS A 257 10.68 -2.11 4.84
C LYS A 257 10.75 -0.84 5.69
N PHE A 258 11.41 -0.93 6.84
CA PHE A 258 11.53 0.18 7.77
C PHE A 258 12.93 0.27 8.31
N ARG A 259 13.30 1.43 8.83
CA ARG A 259 14.61 1.59 9.43
C ARG A 259 14.52 0.93 10.78
N TYR A 260 15.39 -0.02 11.09
CA TYR A 260 15.33 -0.78 12.33
C TYR A 260 16.75 -1.10 12.73
N ARG A 261 16.98 -1.42 14.00
CA ARG A 261 18.27 -1.89 14.50
C ARG A 261 17.96 -2.46 15.87
N ARG A 262 18.71 -3.46 16.32
CA ARG A 262 18.53 -3.99 17.65
C ARG A 262 19.83 -3.63 18.35
N VAL A 263 19.77 -2.70 19.28
CA VAL A 263 20.95 -2.26 20.00
C VAL A 263 21.11 -2.97 21.35
N ALA A 264 22.12 -2.49 22.07
CA ALA A 264 22.49 -2.95 23.39
C ALA A 264 21.40 -3.45 24.30
N GLU A 265 21.68 -4.56 24.98
CA GLU A 265 20.73 -5.20 25.88
C GLU A 265 19.41 -5.50 25.16
N GLY A 266 19.60 -5.83 23.89
CA GLY A 266 18.48 -6.22 23.06
C GLY A 266 17.39 -5.18 22.88
N THR A 267 17.64 -3.88 23.03
CA THR A 267 16.57 -2.92 22.80
C THR A 267 16.40 -2.69 21.30
N GLN A 268 15.21 -2.95 20.75
CA GLN A 268 14.94 -2.76 19.33
C GLN A 268 14.51 -1.32 19.07
N VAL A 269 15.11 -0.65 18.12
CA VAL A 269 14.70 0.70 17.78
C VAL A 269 14.05 0.55 16.40
N LEU A 270 12.99 1.30 16.10
CA LEU A 270 12.29 1.21 14.83
C LEU A 270 11.69 2.55 14.45
N GLU A 271 11.91 2.92 13.21
CA GLU A 271 11.40 4.17 12.72
C GLU A 271 10.30 3.89 11.70
N LEU A 272 9.06 4.32 11.92
CA LEU A 272 7.97 4.18 10.96
C LEU A 272 7.77 5.62 10.42
N PRO A 273 7.42 5.94 9.17
CA PRO A 273 7.38 7.32 8.69
C PRO A 273 6.01 7.77 8.29
N PHE A 274 5.75 9.08 8.29
CA PHE A 274 4.45 9.55 7.85
C PHE A 274 4.59 9.93 6.39
N LYS A 275 3.46 10.03 5.71
CA LYS A 275 3.39 10.38 4.30
C LYS A 275 4.15 11.69 4.15
N GLY A 276 5.23 11.62 3.39
CA GLY A 276 6.06 12.78 3.25
C GLY A 276 7.11 12.56 4.29
N ASP A 277 8.26 12.09 3.83
CA ASP A 277 9.32 11.63 4.68
C ASP A 277 10.09 12.63 5.57
N ASP A 278 9.44 13.67 6.11
CA ASP A 278 10.10 14.58 7.01
C ASP A 278 9.63 14.33 8.45
N ILE A 279 8.48 13.72 8.72
CA ILE A 279 8.11 13.37 10.09
C ILE A 279 8.03 11.84 10.23
N THR A 280 8.61 11.29 11.30
CA THR A 280 8.65 9.86 11.53
C THR A 280 8.18 9.58 12.96
N MET A 281 7.80 8.36 13.37
CA MET A 281 7.47 8.04 14.75
C MET A 281 8.59 7.09 15.15
N VAL A 282 9.31 7.21 16.26
CA VAL A 282 10.35 6.25 16.59
C VAL A 282 9.90 5.55 17.87
N LEU A 283 9.86 4.21 17.84
CA LEU A 283 9.46 3.42 18.99
C LEU A 283 10.70 2.78 19.59
N ILE A 284 10.74 2.47 20.88
CA ILE A 284 11.90 1.82 21.46
C ILE A 284 11.32 0.76 22.36
N LEU A 285 11.65 -0.50 22.09
CA LEU A 285 11.13 -1.65 22.83
C LEU A 285 12.29 -2.47 23.41
N PRO A 286 12.49 -2.51 24.73
CA PRO A 286 13.50 -3.34 25.40
C PRO A 286 13.33 -4.86 25.43
N LYS A 287 14.45 -5.57 25.47
CA LYS A 287 14.49 -7.03 25.61
C LYS A 287 13.65 -7.43 26.81
N PRO A 288 12.56 -8.19 26.82
CA PRO A 288 11.55 -8.20 27.89
C PRO A 288 12.02 -8.40 29.33
N GLU A 289 13.27 -8.84 29.47
CA GLU A 289 13.96 -9.03 30.73
C GLU A 289 14.25 -7.67 31.35
N LYS A 290 14.71 -6.72 30.53
CA LYS A 290 15.00 -5.36 30.93
C LYS A 290 13.73 -4.54 30.98
N SER A 291 13.58 -3.78 32.05
CA SER A 291 12.41 -2.96 32.22
C SER A 291 12.62 -1.66 31.49
N LEU A 292 11.56 -1.20 30.83
CA LEU A 292 11.55 0.08 30.11
C LEU A 292 12.03 1.22 31.00
N ALA A 293 11.56 1.14 32.27
CA ALA A 293 11.94 2.07 33.31
C ALA A 293 13.45 2.29 33.31
N LYS A 294 14.21 1.21 33.25
CA LYS A 294 15.65 1.32 33.16
C LYS A 294 16.04 2.06 31.87
N VAL A 295 15.41 1.76 30.73
CA VAL A 295 15.71 2.44 29.47
C VAL A 295 15.53 3.94 29.64
N GLU A 296 14.50 4.30 30.39
CA GLU A 296 14.21 5.70 30.63
C GLU A 296 15.33 6.33 31.43
N LYS A 297 15.76 5.62 32.47
CA LYS A 297 16.80 6.10 33.35
C LYS A 297 18.10 6.34 32.58
N GLU A 298 18.46 5.46 31.64
CA GLU A 298 19.70 5.64 30.90
C GLU A 298 19.62 6.41 29.57
N LEU A 299 18.52 7.11 29.34
CA LEU A 299 18.35 7.91 28.13
C LEU A 299 19.18 9.19 27.94
N THR A 300 20.50 9.32 27.67
CA THR A 300 21.03 10.65 27.36
C THR A 300 20.55 11.03 25.97
N PRO A 301 20.34 12.29 25.53
CA PRO A 301 20.02 12.61 24.14
C PRO A 301 21.10 12.07 23.20
N GLU A 302 22.33 12.03 23.70
CA GLU A 302 23.47 11.51 22.98
C GLU A 302 23.28 10.05 22.59
N VAL A 303 22.87 9.16 23.50
CA VAL A 303 22.66 7.76 23.17
C VAL A 303 21.42 7.60 22.31
N LEU A 304 20.46 8.52 22.42
CA LEU A 304 19.28 8.53 21.56
C LEU A 304 19.76 8.73 20.13
N GLN A 305 20.67 9.69 19.89
CA GLN A 305 21.19 9.93 18.55
C GLN A 305 21.98 8.75 18.01
N GLU A 306 22.86 8.21 18.84
CA GLU A 306 23.67 7.04 18.55
C GLU A 306 22.79 5.91 18.05
N TRP A 307 21.61 5.70 18.64
CA TRP A 307 20.73 4.65 18.17
C TRP A 307 20.22 4.95 16.77
N LEU A 308 19.78 6.19 16.54
CA LEU A 308 19.28 6.62 15.24
C LEU A 308 20.28 6.35 14.14
N ASP A 309 21.55 6.67 14.36
CA ASP A 309 22.56 6.36 13.37
C ASP A 309 22.75 4.87 13.16
N GLU A 310 22.40 3.99 14.08
CA GLU A 310 22.57 2.57 13.85
C GLU A 310 21.40 1.93 13.13
N LEU A 311 20.32 2.65 12.76
CA LEU A 311 19.19 2.04 12.09
C LEU A 311 19.44 1.85 10.59
N GLU A 312 18.96 0.78 9.95
CA GLU A 312 19.08 0.63 8.51
C GLU A 312 17.75 0.25 7.93
N GLU A 313 17.46 0.59 6.67
CA GLU A 313 16.24 0.11 6.04
C GLU A 313 16.32 -1.42 6.07
N MET A 314 15.27 -2.12 6.44
CA MET A 314 15.32 -3.56 6.50
C MET A 314 13.89 -4.05 6.29
N MET A 315 13.74 -5.27 5.82
CA MET A 315 12.43 -5.81 5.53
C MET A 315 12.00 -6.54 6.77
N LEU A 316 10.98 -6.08 7.48
CA LEU A 316 10.58 -6.80 8.67
C LEU A 316 9.08 -6.96 8.80
N VAL A 317 8.72 -7.63 9.91
CA VAL A 317 7.35 -7.88 10.35
C VAL A 317 7.07 -7.00 11.58
N VAL A 318 6.10 -6.09 11.51
CA VAL A 318 5.75 -5.18 12.59
C VAL A 318 4.44 -5.60 13.26
N HIS A 319 4.37 -5.43 14.57
CA HIS A 319 3.16 -5.68 15.34
C HIS A 319 3.15 -4.62 16.42
N MET A 320 2.13 -3.77 16.48
CA MET A 320 2.07 -2.73 17.48
C MET A 320 0.61 -2.39 17.73
N PRO A 321 0.21 -2.03 18.94
CA PRO A 321 -1.17 -1.73 19.30
C PRO A 321 -1.69 -0.46 18.68
N ARG A 322 -3.01 -0.26 18.62
CA ARG A 322 -3.57 1.06 18.29
C ARG A 322 -3.70 1.65 19.69
N PHE A 323 -3.45 2.94 19.87
CA PHE A 323 -3.51 3.56 21.17
C PHE A 323 -3.90 5.00 21.03
N ARG A 324 -4.47 5.46 22.13
CA ARG A 324 -4.90 6.82 22.29
C ARG A 324 -4.16 7.20 23.57
N ILE A 325 -3.52 8.36 23.63
CA ILE A 325 -2.88 8.83 24.84
C ILE A 325 -3.30 10.29 24.90
N GLU A 326 -3.79 10.74 26.05
CA GLU A 326 -4.12 12.14 26.25
C GLU A 326 -3.48 12.44 27.58
N ASP A 327 -2.77 13.54 27.73
CA ASP A 327 -2.14 13.87 28.98
C ASP A 327 -2.09 15.39 28.96
N GLY A 328 -2.37 15.97 30.11
CA GLY A 328 -2.42 17.42 30.25
C GLY A 328 -2.07 17.77 31.67
N PHE A 329 -1.43 18.91 31.90
CA PHE A 329 -0.99 19.27 33.24
C PHE A 329 -0.55 20.72 33.38
N SER A 330 -0.33 21.11 34.63
CA SER A 330 0.24 22.40 34.93
C SER A 330 1.73 22.10 35.00
N LEU A 331 2.49 22.78 34.16
CA LEU A 331 3.93 22.64 34.18
C LEU A 331 4.56 23.22 35.43
N LYS A 332 3.86 24.16 36.06
CA LYS A 332 4.36 24.94 37.19
C LYS A 332 5.11 24.17 38.28
N GLU A 333 4.56 23.16 38.99
CA GLU A 333 5.33 22.47 40.03
C GLU A 333 6.60 21.83 39.44
N GLN A 334 6.44 21.04 38.38
CA GLN A 334 7.52 20.34 37.68
C GLN A 334 8.73 21.20 37.35
N LEU A 335 8.43 22.39 36.86
CA LEU A 335 9.43 23.34 36.47
C LEU A 335 10.07 23.98 37.66
N GLN A 336 9.26 24.35 38.67
CA GLN A 336 9.74 24.97 39.89
C GLN A 336 10.83 24.07 40.43
N ASP A 337 10.51 22.79 40.57
CA ASP A 337 11.44 21.80 41.10
C ASP A 337 12.72 21.70 40.29
N MET A 338 12.70 22.13 39.03
CA MET A 338 13.89 22.07 38.19
C MET A 338 14.72 23.34 38.18
N GLY A 339 14.27 24.40 38.86
CA GLY A 339 15.05 25.61 38.96
C GLY A 339 14.28 26.84 38.51
N LEU A 340 13.10 26.72 37.94
CA LEU A 340 12.38 27.89 37.46
C LEU A 340 11.52 28.42 38.61
N VAL A 341 12.14 29.12 39.56
CA VAL A 341 11.42 29.58 40.75
C VAL A 341 10.85 30.99 40.64
N ASP A 342 11.77 31.87 40.28
CA ASP A 342 11.50 33.28 40.20
C ASP A 342 10.38 33.68 39.28
N LEU A 343 10.13 33.08 38.12
CA LEU A 343 9.06 33.54 37.25
C LEU A 343 7.65 33.36 37.84
N PHE A 344 7.52 32.48 38.84
CA PHE A 344 6.23 32.22 39.44
C PHE A 344 6.03 32.95 40.78
N SER A 345 7.11 33.51 41.35
CA SER A 345 7.08 34.15 42.65
C SER A 345 6.73 35.63 42.55
N PRO A 346 5.63 36.15 43.14
CA PRO A 346 5.29 37.56 43.18
C PRO A 346 6.41 38.37 43.81
N GLU A 347 7.19 37.75 44.70
CA GLU A 347 8.31 38.41 45.35
C GLU A 347 9.55 38.48 44.48
N LYS A 348 9.68 37.61 43.48
CA LYS A 348 10.89 37.55 42.68
C LYS A 348 10.83 37.73 41.17
N SER A 349 9.66 37.71 40.53
CA SER A 349 9.56 37.84 39.09
C SER A 349 10.05 39.13 38.47
N LYS A 350 11.23 39.21 37.88
CA LYS A 350 11.56 40.40 37.10
C LYS A 350 10.99 40.30 35.69
N LEU A 351 9.80 40.88 35.48
CA LEU A 351 9.14 40.86 34.19
C LEU A 351 8.87 42.23 33.56
N PRO A 352 9.89 43.00 33.14
CA PRO A 352 9.77 44.33 32.57
C PRO A 352 8.78 44.43 31.45
N GLY A 353 8.72 43.37 30.66
CA GLY A 353 7.85 43.32 29.49
C GLY A 353 6.40 43.71 29.74
N ILE A 354 5.86 43.53 30.93
CA ILE A 354 4.46 43.75 31.11
C ILE A 354 4.29 44.81 32.18
N VAL A 355 3.43 45.79 31.99
CA VAL A 355 3.24 46.81 33.00
C VAL A 355 1.78 46.81 33.43
N ALA A 356 1.52 47.11 34.70
CA ALA A 356 0.16 47.24 35.21
C ALA A 356 0.10 48.62 35.83
N GLU A 357 -1.05 49.29 35.96
CA GLU A 357 -1.07 50.61 36.57
C GLU A 357 -0.88 50.51 38.08
N GLY A 358 0.30 50.96 38.51
CA GLY A 358 0.66 51.00 39.91
C GLY A 358 1.17 49.67 40.47
N ARG A 359 0.31 48.66 40.55
CA ARG A 359 0.64 47.37 41.16
C ARG A 359 1.61 46.52 40.35
N ASP A 360 2.88 46.78 40.53
CA ASP A 360 3.86 45.99 39.82
C ASP A 360 4.54 44.95 40.69
N ASP A 361 3.92 43.78 40.53
CA ASP A 361 4.34 42.52 41.10
C ASP A 361 3.77 41.45 40.16
N LEU A 362 4.11 41.61 38.89
CA LEU A 362 3.58 40.77 37.84
C LEU A 362 4.39 39.49 37.79
N TYR A 363 3.68 38.37 37.75
CA TYR A 363 4.32 37.08 37.80
C TYR A 363 3.47 36.09 37.02
N VAL A 364 4.03 34.95 36.60
CA VAL A 364 3.29 33.97 35.83
C VAL A 364 2.54 33.14 36.85
N SER A 365 1.23 33.25 36.83
CA SER A 365 0.40 32.58 37.82
C SER A 365 0.33 31.08 37.54
N ASP A 366 0.20 30.65 36.28
CA ASP A 366 0.13 29.25 35.89
C ASP A 366 0.56 29.07 34.44
N ALA A 367 0.82 27.81 34.13
CA ALA A 367 1.29 27.39 32.84
C ALA A 367 0.73 26.00 32.61
N PHE A 368 -0.15 25.85 31.62
CA PHE A 368 -0.81 24.59 31.27
C PHE A 368 -0.38 24.06 29.91
N HIS A 369 -0.42 22.74 29.79
CA HIS A 369 -0.03 22.05 28.58
C HIS A 369 -0.77 20.75 28.44
N LYS A 370 -1.42 20.49 27.29
CA LYS A 370 -2.10 19.22 27.01
C LYS A 370 -1.61 18.66 25.68
N ALA A 371 -1.78 17.35 25.47
CA ALA A 371 -1.34 16.68 24.27
C ALA A 371 -2.25 15.47 24.04
N PHE A 372 -2.63 15.22 22.80
CA PHE A 372 -3.50 14.10 22.45
C PHE A 372 -2.90 13.33 21.29
N LEU A 373 -2.74 12.01 21.37
CA LEU A 373 -2.28 11.24 20.26
C LEU A 373 -3.23 10.06 20.08
N GLU A 374 -3.81 9.89 18.89
CA GLU A 374 -4.67 8.75 18.61
C GLU A 374 -3.98 8.18 17.38
N VAL A 375 -3.39 7.02 17.54
CA VAL A 375 -2.66 6.37 16.49
C VAL A 375 -3.37 5.07 16.18
N ASN A 376 -3.53 4.84 14.90
CA ASN A 376 -4.20 3.66 14.42
C ASN A 376 -3.60 3.30 13.06
N GLU A 377 -4.01 2.18 12.50
CA GLU A 377 -3.64 1.76 11.15
C GLU A 377 -3.46 2.78 10.01
N GLU A 378 -4.09 3.95 10.04
CA GLU A 378 -4.01 4.99 9.01
C GLU A 378 -2.96 6.03 9.32
N GLY A 379 -2.74 6.25 10.61
CA GLY A 379 -1.86 7.28 11.11
C GLY A 379 -2.54 7.95 12.29
N SER A 380 -2.25 9.23 12.43
CA SER A 380 -2.82 10.08 13.46
C SER A 380 -3.84 10.95 12.76
N GLU A 381 -4.96 10.32 12.44
CA GLU A 381 -6.04 10.92 11.71
C GLU A 381 -7.14 9.86 11.64
N ALA A 382 -8.21 10.30 10.99
CA ALA A 382 -9.43 9.55 10.83
C ALA A 382 -9.26 8.20 10.18
N ALA A 383 -9.89 7.24 10.85
CA ALA A 383 -9.89 5.89 10.35
C ALA A 383 -10.85 5.88 9.18
N ALA A 384 -10.26 5.51 8.06
CA ALA A 384 -10.98 5.28 6.84
C ALA A 384 -10.67 3.81 6.63
N SER A 385 -11.59 3.09 6.03
CA SER A 385 -11.39 1.68 5.77
C SER A 385 -10.46 1.36 4.60
N THR A 386 -9.24 1.89 4.56
CA THR A 386 -8.36 1.57 3.46
C THR A 386 -7.81 0.18 3.75
N ALA A 387 -8.26 -0.78 2.95
CA ALA A 387 -7.74 -2.13 3.03
C ALA A 387 -6.48 -2.16 2.17
N VAL A 388 -5.62 -3.17 2.34
CA VAL A 388 -4.39 -3.22 1.56
C VAL A 388 -4.21 -4.60 0.93
N VAL A 389 -3.92 -4.60 -0.38
CA VAL A 389 -3.69 -5.82 -1.12
C VAL A 389 -2.31 -5.74 -1.78
N ILE A 390 -1.49 -6.73 -1.39
CA ILE A 390 -0.12 -6.88 -1.84
C ILE A 390 -0.09 -8.20 -2.55
N ALA A 391 0.29 -8.12 -3.81
CA ALA A 391 0.31 -9.26 -4.68
C ALA A 391 1.72 -9.47 -5.14
N GLY A 392 2.13 -10.73 -5.15
CA GLY A 392 3.41 -11.12 -5.71
C GLY A 392 4.62 -10.76 -4.87
N ARG A 393 4.60 -11.20 -3.61
CA ARG A 393 5.71 -10.96 -2.72
C ARG A 393 5.88 -12.21 -1.88
N SER A 394 6.99 -12.90 -2.14
CA SER A 394 7.38 -14.07 -1.38
C SER A 394 8.57 -13.44 -0.70
N LEU A 395 8.47 -13.57 0.62
CA LEU A 395 9.36 -12.93 1.55
C LEU A 395 10.17 -13.96 2.32
N ASN A 396 11.41 -13.56 2.59
CA ASN A 396 12.37 -14.45 3.24
C ASN A 396 11.91 -14.88 4.60
N PRO A 397 11.89 -16.14 5.02
CA PRO A 397 11.81 -16.52 6.43
C PRO A 397 13.06 -16.00 7.11
N ASN A 398 13.16 -15.98 8.43
CA ASN A 398 14.34 -15.43 9.12
C ASN A 398 14.46 -13.92 8.90
N ARG A 399 13.27 -13.33 8.75
CA ARG A 399 13.11 -11.89 8.67
C ARG A 399 12.84 -11.51 10.13
N VAL A 400 13.30 -10.34 10.58
CA VAL A 400 13.18 -9.96 11.98
C VAL A 400 11.76 -9.55 12.36
N THR A 401 11.34 -9.86 13.57
CA THR A 401 10.00 -9.50 13.98
C THR A 401 10.06 -8.35 14.95
N PHE A 402 9.04 -7.50 15.06
CA PHE A 402 9.00 -6.44 16.04
C PHE A 402 7.60 -6.55 16.63
N LYS A 403 7.49 -7.01 17.86
CA LYS A 403 6.19 -7.19 18.49
C LYS A 403 6.10 -6.38 19.77
N ALA A 404 5.70 -5.11 19.67
CA ALA A 404 5.57 -4.24 20.81
C ALA A 404 4.27 -4.64 21.50
N ASN A 405 4.36 -5.73 22.27
CA ASN A 405 3.25 -6.25 23.05
C ASN A 405 3.47 -6.06 24.56
N ARG A 406 4.48 -5.29 24.92
CA ARG A 406 4.85 -4.96 26.28
C ARG A 406 5.25 -3.47 26.21
N PRO A 407 5.30 -2.64 27.26
CA PRO A 407 5.30 -1.18 27.15
C PRO A 407 6.52 -0.64 26.40
N PHE A 408 6.39 0.46 25.66
CA PHE A 408 7.50 0.95 24.88
C PHE A 408 7.50 2.47 24.90
N LEU A 409 8.63 3.09 24.54
CA LEU A 409 8.70 4.55 24.43
C LEU A 409 8.22 4.96 23.04
N VAL A 410 7.83 6.21 22.85
CA VAL A 410 7.34 6.69 21.55
C VAL A 410 8.03 8.01 21.34
N PHE A 411 8.44 8.40 20.15
CA PHE A 411 9.01 9.72 19.91
C PHE A 411 8.37 10.29 18.65
N ILE A 412 8.03 11.57 18.44
CA ILE A 412 7.64 12.00 17.09
C ILE A 412 8.61 13.13 16.72
N ARG A 413 9.50 12.69 15.83
CA ARG A 413 10.71 13.36 15.40
C ARG A 413 10.50 14.06 14.07
N GLU A 414 11.07 15.24 13.94
CA GLU A 414 10.96 15.99 12.70
C GLU A 414 12.36 15.74 12.19
N VAL A 415 12.57 15.02 11.09
CA VAL A 415 13.91 14.60 10.73
C VAL A 415 14.87 15.64 10.14
N PRO A 416 14.63 16.43 9.09
CA PRO A 416 15.56 17.44 8.59
C PRO A 416 16.10 18.35 9.67
N LEU A 417 15.16 18.81 10.51
CA LEU A 417 15.47 19.71 11.61
C LEU A 417 15.99 19.01 12.85
N ASN A 418 15.77 17.69 12.91
CA ASN A 418 16.08 16.85 14.04
C ASN A 418 15.50 17.48 15.28
N THR A 419 14.16 17.55 15.38
CA THR A 419 13.52 18.17 16.53
C THR A 419 12.49 17.20 17.05
N ILE A 420 12.51 16.96 18.36
CA ILE A 420 11.53 16.07 18.95
C ILE A 420 10.24 16.90 19.09
N ILE A 421 9.20 16.51 18.39
CA ILE A 421 7.94 17.20 18.55
C ILE A 421 7.16 16.60 19.71
N PHE A 422 7.17 15.28 19.93
CA PHE A 422 6.37 14.71 20.99
C PHE A 422 7.12 13.62 21.71
N MET A 423 6.70 13.16 22.88
CA MET A 423 7.40 12.09 23.58
C MET A 423 6.42 11.34 24.46
N GLY A 424 6.64 10.06 24.70
CA GLY A 424 5.69 9.31 25.51
C GLY A 424 6.08 7.86 25.83
N ARG A 425 5.14 7.17 26.42
CA ARG A 425 5.38 5.83 26.87
C ARG A 425 4.00 5.20 26.88
N VAL A 426 3.82 4.18 26.03
CA VAL A 426 2.55 3.48 25.97
C VAL A 426 2.78 2.33 26.92
N ALA A 427 2.29 2.53 28.13
CA ALA A 427 2.41 1.56 29.21
C ALA A 427 1.23 0.64 29.41
N ASN A 428 0.08 1.09 28.92
CA ASN A 428 -1.12 0.29 28.94
C ASN A 428 -2.10 0.78 27.86
N PRO A 429 -2.20 0.09 26.71
CA PRO A 429 -3.18 0.37 25.67
C PRO A 429 -4.38 -0.58 25.75
N CYS A 430 -4.69 -1.15 26.91
CA CYS A 430 -5.82 -2.05 27.00
C CYS A 430 -7.12 -1.28 27.10
N VAL A 431 -8.10 -1.84 26.39
CA VAL A 431 -9.44 -1.28 26.28
C VAL A 431 -10.46 -2.37 26.59
N PRO B 19 -23.39 -28.09 -42.98
CA PRO B 19 -22.31 -28.62 -43.78
C PRO B 19 -22.31 -30.14 -43.66
N MET B 20 -21.19 -30.86 -43.77
CA MET B 20 -21.30 -32.29 -43.60
C MET B 20 -21.59 -32.61 -42.14
N CYS B 21 -22.25 -33.75 -41.99
CA CYS B 21 -22.57 -34.37 -40.71
C CYS B 21 -22.78 -33.67 -39.39
N ILE B 22 -23.77 -32.78 -39.34
CA ILE B 22 -24.19 -32.14 -38.10
C ILE B 22 -24.74 -33.24 -37.17
N TYR B 23 -23.84 -33.69 -36.32
CA TYR B 23 -24.07 -34.77 -35.39
C TYR B 23 -23.27 -34.55 -34.09
N VAL B 48 -26.01 -16.33 -27.34
CA VAL B 48 -24.60 -15.96 -27.42
C VAL B 48 -24.00 -16.18 -26.03
N TRP B 49 -24.69 -15.67 -25.01
CA TRP B 49 -24.29 -15.81 -23.61
C TRP B 49 -24.17 -17.30 -23.29
N GLU B 50 -25.06 -18.11 -23.88
CA GLU B 50 -25.00 -19.56 -23.74
C GLU B 50 -23.64 -20.09 -24.18
N LEU B 51 -23.16 -19.56 -25.31
CA LEU B 51 -21.85 -19.93 -25.82
C LEU B 51 -20.76 -19.47 -24.87
N SER B 52 -20.86 -18.22 -24.36
CA SER B 52 -19.90 -17.66 -23.42
C SER B 52 -19.75 -18.59 -22.22
N LYS B 53 -20.88 -19.03 -21.64
CA LYS B 53 -20.93 -20.01 -20.55
C LYS B 53 -20.21 -21.32 -20.84
N ALA B 54 -20.54 -21.89 -22.01
CA ALA B 54 -19.94 -23.14 -22.47
C ALA B 54 -18.44 -22.99 -22.48
N ASN B 55 -18.02 -21.91 -23.12
CA ASN B 55 -16.62 -21.55 -23.27
C ASN B 55 -15.89 -21.39 -21.95
N SER B 56 -16.52 -20.67 -21.02
CA SER B 56 -15.97 -20.47 -19.71
C SER B 56 -15.83 -21.81 -18.98
N ARG B 57 -16.79 -22.72 -19.15
CA ARG B 57 -16.72 -24.01 -18.47
C ARG B 57 -15.52 -24.78 -19.02
N PHE B 58 -15.27 -24.68 -20.33
CA PHE B 58 -14.08 -25.30 -20.86
C PHE B 58 -12.85 -24.60 -20.25
N ALA B 59 -12.88 -23.28 -20.10
CA ALA B 59 -11.73 -22.50 -19.66
C ALA B 59 -11.12 -22.98 -18.38
N THR B 60 -12.03 -23.15 -17.42
CA THR B 60 -11.65 -23.55 -16.09
C THR B 60 -11.23 -25.00 -16.13
N THR B 61 -12.04 -25.85 -16.79
CA THR B 61 -11.73 -27.26 -16.88
C THR B 61 -10.43 -27.54 -17.62
N PHE B 62 -10.07 -26.69 -18.60
CA PHE B 62 -8.83 -26.84 -19.32
C PHE B 62 -7.75 -26.45 -18.32
N TYR B 63 -7.94 -25.32 -17.61
CA TYR B 63 -6.96 -24.82 -16.64
C TYR B 63 -6.58 -25.89 -15.64
N GLN B 64 -7.54 -26.54 -14.99
CA GLN B 64 -7.23 -27.52 -13.98
C GLN B 64 -6.44 -28.66 -14.58
N HIS B 65 -6.81 -29.17 -15.77
CA HIS B 65 -6.05 -30.27 -16.38
C HIS B 65 -4.60 -29.84 -16.69
N LEU B 66 -4.42 -28.58 -17.06
CA LEU B 66 -3.13 -27.98 -17.38
C LEU B 66 -2.38 -27.67 -16.08
N ALA B 67 -3.12 -27.33 -15.02
CA ALA B 67 -2.56 -26.96 -13.73
C ALA B 67 -1.94 -28.18 -13.07
N ASP B 68 -2.63 -29.33 -13.09
CA ASP B 68 -2.10 -30.55 -12.49
C ASP B 68 -1.01 -31.22 -13.29
N SER B 69 -0.77 -30.79 -14.53
CA SER B 69 0.39 -31.27 -15.25
C SER B 69 1.61 -30.40 -14.93
N LYS B 70 1.35 -29.26 -14.29
CA LYS B 70 2.38 -28.30 -13.97
C LYS B 70 2.60 -28.34 -12.47
N ASN B 71 3.64 -27.64 -12.03
CA ASN B 71 3.96 -27.59 -10.62
C ASN B 71 3.63 -26.19 -10.15
N ASP B 72 3.17 -25.99 -8.91
CA ASP B 72 2.84 -24.66 -8.40
C ASP B 72 3.92 -23.59 -8.40
N ASN B 73 5.19 -23.95 -8.61
CA ASN B 73 6.26 -22.98 -8.79
C ASN B 73 6.05 -22.30 -10.15
N ASP B 74 5.53 -23.02 -11.14
CA ASP B 74 5.38 -22.50 -12.48
C ASP B 74 4.23 -21.54 -12.53
N ASN B 75 4.52 -20.44 -13.22
CA ASN B 75 3.48 -19.49 -13.56
C ASN B 75 2.87 -20.07 -14.82
N ILE B 76 1.57 -19.97 -15.15
CA ILE B 76 1.06 -20.63 -16.34
C ILE B 76 0.10 -19.65 -17.02
N PHE B 77 0.17 -19.40 -18.34
CA PHE B 77 -0.70 -18.40 -18.97
C PHE B 77 -1.20 -18.87 -20.33
N LEU B 78 -2.46 -18.60 -20.59
CA LEU B 78 -3.10 -19.09 -21.78
C LEU B 78 -4.26 -18.18 -22.09
N SER B 79 -4.91 -18.46 -23.20
CA SER B 79 -6.10 -17.75 -23.58
C SER B 79 -6.98 -18.94 -23.89
N PRO B 80 -7.99 -19.21 -23.09
CA PRO B 80 -9.08 -20.13 -23.40
C PRO B 80 -9.82 -19.77 -24.69
N LEU B 81 -10.18 -18.50 -24.89
CA LEU B 81 -10.89 -18.05 -26.07
C LEU B 81 -10.18 -18.47 -27.36
N SER B 82 -8.88 -18.16 -27.54
CA SER B 82 -8.08 -18.63 -28.66
C SER B 82 -8.24 -20.12 -28.90
N ILE B 83 -7.98 -21.00 -27.92
CA ILE B 83 -8.10 -22.44 -28.09
C ILE B 83 -9.51 -22.83 -28.50
N SER B 84 -10.55 -22.29 -27.88
CA SER B 84 -11.90 -22.65 -28.26
C SER B 84 -12.20 -22.08 -29.63
N THR B 85 -11.58 -20.98 -30.06
CA THR B 85 -11.85 -20.48 -31.39
C THR B 85 -11.22 -21.40 -32.44
N ALA B 86 -9.91 -21.66 -32.37
CA ALA B 86 -9.22 -22.51 -33.31
C ALA B 86 -9.93 -23.86 -33.42
N PHE B 87 -10.24 -24.54 -32.32
CA PHE B 87 -10.94 -25.82 -32.45
C PHE B 87 -12.36 -25.70 -32.93
N ALA B 88 -13.13 -24.64 -32.61
CA ALA B 88 -14.48 -24.54 -33.15
C ALA B 88 -14.43 -24.27 -34.65
N MET B 89 -13.22 -23.97 -35.17
CA MET B 89 -12.95 -23.77 -36.58
C MET B 89 -12.59 -25.14 -37.17
N THR B 90 -11.71 -25.93 -36.54
CA THR B 90 -11.38 -27.29 -36.98
C THR B 90 -12.65 -28.12 -37.07
N LYS B 91 -13.60 -27.85 -36.17
CA LYS B 91 -14.86 -28.55 -36.10
C LYS B 91 -15.59 -28.61 -37.42
N LEU B 92 -15.55 -27.62 -38.30
CA LEU B 92 -16.30 -27.71 -39.55
C LEU B 92 -15.87 -28.82 -40.51
N GLY B 93 -14.69 -29.43 -40.30
CA GLY B 93 -14.20 -30.52 -41.12
C GLY B 93 -14.41 -31.91 -40.51
N ALA B 94 -14.68 -31.99 -39.21
CA ALA B 94 -14.84 -33.26 -38.53
C ALA B 94 -16.20 -33.86 -38.83
N CYS B 95 -16.50 -35.04 -38.29
CA CYS B 95 -17.75 -35.73 -38.59
C CYS B 95 -17.95 -36.88 -37.61
N ASN B 96 -19.06 -37.61 -37.74
CA ASN B 96 -19.43 -38.79 -36.96
C ASN B 96 -19.02 -38.73 -35.50
N ASP B 97 -17.99 -39.46 -35.05
CA ASP B 97 -17.58 -39.46 -33.66
C ASP B 97 -16.64 -38.32 -33.28
N THR B 98 -15.77 -37.85 -34.18
CA THR B 98 -14.89 -36.74 -33.89
C THR B 98 -15.72 -35.48 -33.63
N LEU B 99 -16.72 -35.19 -34.48
CA LEU B 99 -17.55 -34.01 -34.32
C LEU B 99 -18.22 -34.00 -32.96
N GLN B 100 -18.69 -35.17 -32.57
CA GLN B 100 -19.33 -35.34 -31.28
C GLN B 100 -18.32 -35.03 -30.18
N GLN B 101 -17.18 -35.71 -30.14
CA GLN B 101 -16.18 -35.46 -29.11
C GLN B 101 -15.78 -33.99 -29.01
N LEU B 102 -15.64 -33.26 -30.11
CA LEU B 102 -15.34 -31.83 -30.07
C LEU B 102 -16.50 -31.06 -29.46
N MET B 103 -17.75 -31.37 -29.84
CA MET B 103 -18.93 -30.72 -29.28
C MET B 103 -19.06 -30.92 -27.77
N GLU B 104 -18.59 -32.06 -27.32
CA GLU B 104 -18.68 -32.49 -25.94
C GLU B 104 -17.53 -32.00 -25.04
N VAL B 105 -16.30 -31.69 -25.45
CA VAL B 105 -15.29 -31.27 -24.48
C VAL B 105 -15.09 -29.76 -24.52
N PHE B 106 -15.39 -29.13 -25.64
CA PHE B 106 -15.40 -27.68 -25.71
C PHE B 106 -16.81 -27.19 -25.33
N LYS B 107 -17.56 -28.04 -24.62
CA LYS B 107 -18.89 -27.80 -24.08
C LYS B 107 -19.92 -27.11 -24.97
N PHE B 108 -19.85 -27.28 -26.29
CA PHE B 108 -20.87 -26.75 -27.21
C PHE B 108 -22.19 -27.52 -27.04
N ASP B 109 -22.02 -28.74 -26.54
CA ASP B 109 -23.06 -29.68 -26.15
C ASP B 109 -24.04 -29.08 -25.13
N THR B 110 -23.64 -28.02 -24.45
CA THR B 110 -24.38 -27.34 -23.41
C THR B 110 -25.29 -26.24 -23.96
N ILE B 111 -25.02 -25.77 -25.17
CA ILE B 111 -25.72 -24.61 -25.72
C ILE B 111 -27.12 -25.05 -26.14
N SER B 116 -25.60 -28.53 -33.97
CA SER B 116 -24.17 -28.48 -34.21
C SER B 116 -23.85 -27.26 -35.08
N ASP B 117 -24.29 -27.22 -36.35
CA ASP B 117 -24.01 -26.14 -37.27
C ASP B 117 -24.23 -24.71 -36.74
N GLN B 118 -25.29 -24.52 -35.96
CA GLN B 118 -25.63 -23.20 -35.41
C GLN B 118 -24.59 -22.58 -34.48
N ILE B 119 -23.83 -23.41 -33.76
CA ILE B 119 -22.74 -22.96 -32.91
C ILE B 119 -21.88 -21.99 -33.70
N HIS B 120 -21.61 -22.24 -34.97
CA HIS B 120 -20.71 -21.37 -35.72
C HIS B 120 -21.37 -20.04 -36.02
N PHE B 121 -22.70 -20.00 -36.11
CA PHE B 121 -23.40 -18.74 -36.26
C PHE B 121 -23.17 -17.94 -34.98
N PHE B 122 -23.37 -18.64 -33.85
CA PHE B 122 -23.22 -18.03 -32.54
C PHE B 122 -21.82 -17.54 -32.27
N PHE B 123 -20.80 -18.30 -32.66
CA PHE B 123 -19.44 -17.88 -32.42
C PHE B 123 -19.16 -16.62 -33.22
N ALA B 124 -19.71 -16.41 -34.42
CA ALA B 124 -19.47 -15.16 -35.15
C ALA B 124 -20.24 -14.04 -34.50
N LYS B 125 -21.44 -14.29 -33.94
CA LYS B 125 -22.20 -13.28 -33.23
C LYS B 125 -21.46 -12.77 -32.01
N LEU B 126 -20.94 -13.73 -31.25
CA LEU B 126 -20.13 -13.53 -30.07
C LEU B 126 -18.95 -12.69 -30.48
N ASN B 127 -18.17 -13.16 -31.45
CA ASN B 127 -17.04 -12.41 -31.96
C ASN B 127 -17.45 -11.04 -32.48
N CYS B 128 -18.68 -10.88 -32.99
CA CYS B 128 -19.14 -9.59 -33.48
C CYS B 128 -19.34 -8.63 -32.33
N ARG B 129 -19.85 -9.13 -31.21
CA ARG B 129 -20.01 -8.29 -30.03
C ARG B 129 -18.68 -8.06 -29.30
N LEU B 130 -17.57 -8.70 -29.74
CA LEU B 130 -16.32 -8.72 -29.01
C LEU B 130 -15.07 -8.13 -29.64
N TYR B 131 -14.91 -8.01 -30.96
CA TYR B 131 -13.69 -7.42 -31.49
C TYR B 131 -14.12 -6.15 -32.18
N ARG B 132 -13.61 -5.05 -31.62
CA ARG B 132 -13.95 -3.68 -32.01
C ARG B 132 -12.87 -2.73 -31.49
N SER B 138 -8.68 -1.18 -24.77
CA SER B 138 -9.14 -0.64 -26.04
C SER B 138 -8.64 -1.38 -27.29
N LYS B 139 -7.65 -2.27 -27.25
CA LYS B 139 -7.25 -3.01 -28.43
C LYS B 139 -7.63 -4.45 -28.20
N LEU B 140 -8.80 -4.91 -28.64
CA LEU B 140 -9.10 -6.33 -28.57
C LEU B 140 -9.44 -6.71 -29.99
N VAL B 141 -8.54 -7.51 -30.52
CA VAL B 141 -8.59 -7.91 -31.92
C VAL B 141 -8.17 -9.36 -32.16
N SER B 142 -8.74 -9.97 -33.20
CA SER B 142 -8.48 -11.36 -33.51
C SER B 142 -8.14 -11.42 -34.98
N ALA B 143 -7.67 -12.60 -35.37
CA ALA B 143 -7.27 -12.91 -36.73
C ALA B 143 -7.35 -14.43 -36.86
N ASN B 144 -7.80 -15.00 -37.98
CA ASN B 144 -7.86 -16.45 -38.13
C ASN B 144 -7.38 -16.76 -39.52
N ARG B 145 -6.72 -17.88 -39.78
CA ARG B 145 -6.23 -18.16 -41.11
C ARG B 145 -5.87 -19.63 -41.22
N LEU B 146 -6.19 -20.18 -42.38
CA LEU B 146 -5.95 -21.57 -42.72
C LEU B 146 -4.73 -21.58 -43.65
N PHE B 147 -3.74 -22.46 -43.53
CA PHE B 147 -2.62 -22.51 -44.47
C PHE B 147 -2.60 -23.96 -44.88
N GLY B 148 -2.91 -24.20 -46.14
CA GLY B 148 -3.08 -25.56 -46.63
C GLY B 148 -2.20 -25.78 -47.83
N ASP B 149 -1.95 -27.03 -48.14
CA ASP B 149 -1.06 -27.36 -49.23
C ASP B 149 -1.55 -26.97 -50.60
N LYS B 150 -0.57 -26.33 -51.24
CA LYS B 150 -0.67 -25.78 -52.57
C LYS B 150 -1.30 -26.70 -53.61
N SER B 151 -1.03 -27.99 -53.54
CA SER B 151 -1.55 -28.93 -54.52
C SER B 151 -2.93 -29.50 -54.23
N LEU B 152 -3.30 -29.68 -52.98
CA LEU B 152 -4.57 -30.29 -52.66
C LEU B 152 -5.70 -29.35 -53.06
N THR B 153 -6.81 -29.91 -53.50
CA THR B 153 -7.90 -29.05 -53.90
C THR B 153 -8.81 -29.04 -52.67
N PHE B 154 -8.93 -27.93 -51.94
CA PHE B 154 -9.73 -27.96 -50.73
C PHE B 154 -11.20 -27.79 -51.08
N ASN B 155 -12.07 -28.45 -50.33
CA ASN B 155 -13.52 -28.31 -50.53
C ASN B 155 -13.99 -26.86 -50.58
N GLU B 156 -14.82 -26.49 -51.55
CA GLU B 156 -15.33 -25.14 -51.71
C GLU B 156 -16.12 -24.66 -50.51
N THR B 157 -17.20 -25.35 -50.21
CA THR B 157 -18.08 -24.95 -49.12
C THR B 157 -17.38 -24.86 -47.79
N TYR B 158 -16.42 -25.75 -47.49
CA TYR B 158 -15.65 -25.69 -46.26
C TYR B 158 -15.06 -24.29 -46.19
N GLN B 159 -14.27 -23.97 -47.22
CA GLN B 159 -13.59 -22.69 -47.33
C GLN B 159 -14.52 -21.49 -47.24
N ASP B 160 -15.75 -21.64 -47.75
CA ASP B 160 -16.71 -20.57 -47.71
C ASP B 160 -17.28 -20.34 -46.31
N ILE B 161 -17.48 -21.38 -45.50
CA ILE B 161 -17.95 -21.19 -44.14
C ILE B 161 -16.77 -20.58 -43.38
N SER B 162 -15.55 -21.11 -43.50
CA SER B 162 -14.37 -20.55 -42.83
C SER B 162 -14.19 -19.05 -43.00
N GLU B 163 -14.32 -18.52 -44.21
CA GLU B 163 -14.17 -17.10 -44.42
C GLU B 163 -15.35 -16.31 -43.85
N LEU B 164 -16.60 -16.65 -44.16
CA LEU B 164 -17.74 -15.87 -43.69
C LEU B 164 -17.84 -15.87 -42.17
N VAL B 165 -17.77 -17.04 -41.57
CA VAL B 165 -17.94 -17.17 -40.15
C VAL B 165 -16.70 -16.78 -39.37
N TYR B 166 -15.53 -17.19 -39.83
CA TYR B 166 -14.39 -16.90 -39.00
C TYR B 166 -13.39 -15.92 -39.57
N GLY B 167 -13.61 -15.38 -40.76
CA GLY B 167 -12.62 -14.50 -41.37
C GLY B 167 -11.36 -15.23 -41.84
N ALA B 168 -11.43 -16.56 -41.86
CA ALA B 168 -10.27 -17.35 -42.18
C ALA B 168 -10.12 -17.57 -43.66
N LYS B 169 -9.05 -17.03 -44.24
CA LYS B 169 -8.74 -17.29 -45.63
C LYS B 169 -7.87 -18.53 -45.79
N LEU B 170 -7.99 -19.28 -46.87
CA LEU B 170 -7.11 -20.43 -47.09
C LEU B 170 -5.89 -19.86 -47.78
N GLN B 171 -4.67 -20.00 -47.30
CA GLN B 171 -3.52 -19.55 -48.04
C GLN B 171 -2.66 -20.78 -48.37
N PRO B 172 -2.31 -20.98 -49.65
CA PRO B 172 -1.44 -22.06 -50.08
C PRO B 172 -0.01 -21.89 -49.61
N LEU B 173 0.53 -23.01 -49.14
CA LEU B 173 1.93 -23.12 -48.78
C LEU B 173 2.43 -24.48 -49.32
N ASP B 174 3.73 -24.62 -49.53
CA ASP B 174 4.21 -25.88 -50.03
C ASP B 174 4.72 -26.80 -48.92
N PHE B 175 3.80 -27.36 -48.16
CA PHE B 175 4.21 -28.29 -47.11
C PHE B 175 4.88 -29.53 -47.72
N LYS B 176 4.27 -29.99 -48.82
CA LYS B 176 4.72 -31.17 -49.56
C LYS B 176 6.20 -31.18 -49.94
N GLU B 177 6.68 -30.05 -50.43
CA GLU B 177 8.04 -30.01 -50.91
C GLU B 177 8.89 -29.05 -50.08
N ASN B 178 8.42 -27.85 -49.74
CA ASN B 178 9.26 -26.93 -48.99
C ASN B 178 8.63 -26.52 -47.65
N ALA B 179 8.55 -27.58 -46.85
CA ALA B 179 7.99 -27.57 -45.53
C ALA B 179 8.49 -26.49 -44.59
N GLU B 180 9.80 -26.42 -44.32
CA GLU B 180 10.29 -25.47 -43.32
C GLU B 180 10.05 -24.03 -43.68
N GLN B 181 10.26 -23.62 -44.93
CA GLN B 181 9.96 -22.25 -45.28
C GLN B 181 8.46 -22.04 -45.06
N SER B 182 7.59 -23.04 -45.26
CA SER B 182 6.17 -22.87 -44.96
C SER B 182 5.87 -22.64 -43.47
N ARG B 183 6.43 -23.42 -42.54
CA ARG B 183 6.12 -23.20 -41.12
C ARG B 183 6.71 -21.86 -40.70
N ALA B 184 7.90 -21.55 -41.20
CA ALA B 184 8.51 -20.26 -40.94
C ALA B 184 7.65 -19.11 -41.47
N ALA B 185 6.87 -19.39 -42.50
CA ALA B 185 5.99 -18.38 -43.02
C ALA B 185 4.80 -18.18 -42.10
N ILE B 186 4.29 -19.28 -41.52
CA ILE B 186 3.10 -19.19 -40.70
C ILE B 186 3.38 -18.37 -39.44
N ASN B 187 4.48 -18.73 -38.78
CA ASN B 187 4.96 -18.05 -37.58
C ASN B 187 5.09 -16.56 -37.88
N LYS B 188 5.55 -16.19 -39.08
CA LYS B 188 5.66 -14.80 -39.47
C LYS B 188 4.32 -14.11 -39.51
N TRP B 189 3.25 -14.76 -39.98
CA TRP B 189 1.92 -14.14 -39.99
C TRP B 189 1.49 -13.83 -38.57
N VAL B 190 1.65 -14.82 -37.67
CA VAL B 190 1.26 -14.72 -36.27
C VAL B 190 1.95 -13.50 -35.67
N SER B 191 3.28 -13.41 -35.76
CA SER B 191 4.02 -12.25 -35.27
C SER B 191 3.39 -10.93 -35.68
N ASN B 192 3.08 -10.77 -36.96
CA ASN B 192 2.46 -9.53 -37.41
C ASN B 192 1.13 -9.35 -36.69
N LYS B 193 0.30 -10.38 -36.66
CA LYS B 193 -1.02 -10.23 -36.06
C LYS B 193 -1.03 -10.13 -34.55
N THR B 194 0.08 -10.43 -33.89
CA THR B 194 0.16 -10.20 -32.47
C THR B 194 1.24 -9.13 -32.22
N GLU B 195 1.42 -8.15 -33.11
CA GLU B 195 2.33 -7.04 -32.91
C GLU B 195 3.75 -7.42 -32.51
N GLY B 196 4.18 -8.66 -32.71
CA GLY B 196 5.54 -9.07 -32.42
C GLY B 196 5.76 -9.89 -31.16
N ARG B 197 4.68 -10.37 -30.56
CA ARG B 197 4.80 -11.10 -29.31
C ARG B 197 4.83 -12.61 -29.42
N ILE B 198 3.90 -13.22 -30.14
CA ILE B 198 3.91 -14.66 -30.24
C ILE B 198 4.72 -14.78 -31.51
N THR B 199 5.95 -15.22 -31.36
CA THR B 199 6.80 -15.35 -32.53
C THR B 199 7.01 -16.79 -32.93
N ASP B 200 7.46 -17.66 -32.04
CA ASP B 200 7.56 -19.06 -32.41
C ASP B 200 6.25 -19.64 -31.92
N VAL B 201 5.40 -20.20 -32.75
CA VAL B 201 4.23 -20.88 -32.22
C VAL B 201 4.50 -22.30 -32.65
N ILE B 202 4.68 -22.49 -33.97
CA ILE B 202 4.86 -23.81 -34.53
C ILE B 202 6.35 -24.16 -34.40
N PRO B 203 6.66 -25.28 -33.74
CA PRO B 203 7.92 -25.57 -33.08
C PRO B 203 9.15 -25.64 -33.96
N SER B 204 9.14 -26.63 -34.84
CA SER B 204 10.21 -26.93 -35.78
C SER B 204 9.80 -28.21 -36.49
N GLU B 205 9.94 -29.35 -35.81
CA GLU B 205 9.65 -30.64 -36.39
C GLU B 205 8.17 -30.99 -36.54
N ALA B 206 7.24 -30.07 -36.32
CA ALA B 206 5.82 -30.39 -36.43
C ALA B 206 5.34 -30.47 -37.88
N ILE B 207 5.83 -29.57 -38.74
CA ILE B 207 5.38 -29.59 -40.11
C ILE B 207 6.44 -30.37 -40.89
N ASN B 208 5.90 -31.30 -41.64
CA ASN B 208 6.72 -32.19 -42.41
C ASN B 208 5.99 -32.32 -43.74
N GLU B 209 6.61 -33.06 -44.64
CA GLU B 209 6.14 -33.33 -46.00
C GLU B 209 4.66 -33.72 -46.12
N LEU B 210 4.09 -34.34 -45.10
CA LEU B 210 2.69 -34.76 -45.12
C LEU B 210 1.70 -33.79 -44.47
N THR B 211 2.11 -32.59 -44.05
CA THR B 211 1.19 -31.66 -43.41
C THR B 211 0.18 -31.15 -44.44
N VAL B 212 -1.10 -31.34 -44.15
CA VAL B 212 -2.21 -30.89 -44.99
C VAL B 212 -2.63 -29.44 -44.76
N LEU B 213 -3.21 -29.18 -43.58
CA LEU B 213 -3.71 -27.86 -43.22
C LEU B 213 -3.18 -27.50 -41.84
N VAL B 214 -2.93 -26.23 -41.58
CA VAL B 214 -2.61 -25.73 -40.26
C VAL B 214 -3.65 -24.64 -40.11
N LEU B 215 -4.49 -24.81 -39.11
CA LEU B 215 -5.50 -23.83 -38.80
C LEU B 215 -4.86 -22.94 -37.74
N VAL B 216 -4.98 -21.61 -37.76
CA VAL B 216 -4.36 -20.77 -36.77
C VAL B 216 -5.39 -19.79 -36.25
N ASN B 217 -5.29 -19.42 -34.97
CA ASN B 217 -6.09 -18.35 -34.39
C ASN B 217 -5.16 -17.37 -33.70
N THR B 218 -5.58 -16.10 -33.60
CA THR B 218 -4.83 -15.08 -32.92
C THR B 218 -5.76 -14.13 -32.17
N ILE B 219 -5.42 -13.70 -30.94
CA ILE B 219 -6.14 -12.68 -30.19
C ILE B 219 -5.04 -11.80 -29.65
N TYR B 220 -5.29 -10.51 -29.57
CA TYR B 220 -4.33 -9.56 -29.07
C TYR B 220 -5.12 -8.47 -28.35
N PHE B 221 -4.58 -8.10 -27.21
CA PHE B 221 -5.18 -7.13 -26.34
C PHE B 221 -4.09 -6.21 -25.89
N LYS B 222 -4.46 -4.95 -25.76
CA LYS B 222 -3.60 -3.97 -25.15
C LYS B 222 -4.59 -3.01 -24.52
N GLY B 223 -4.41 -2.61 -23.26
CA GLY B 223 -5.31 -1.69 -22.59
C GLY B 223 -4.62 -0.84 -21.53
N LEU B 224 -5.15 0.35 -21.31
CA LEU B 224 -4.59 1.24 -20.31
C LEU B 224 -5.43 1.15 -19.07
N TRP B 225 -4.78 1.36 -17.93
CA TRP B 225 -5.49 1.25 -16.68
C TRP B 225 -6.36 2.46 -16.53
N LYS B 226 -7.52 2.19 -15.95
CA LYS B 226 -8.46 3.23 -15.58
C LYS B 226 -7.78 4.17 -14.59
N SER B 227 -6.96 3.63 -13.67
CA SER B 227 -6.17 4.39 -12.69
C SER B 227 -4.72 3.97 -12.93
N LYS B 228 -3.86 4.75 -13.60
CA LYS B 228 -2.48 4.32 -13.85
C LYS B 228 -1.58 4.35 -12.63
N PHE B 229 -0.73 3.32 -12.49
CA PHE B 229 0.22 3.27 -11.40
C PHE B 229 1.29 4.25 -11.83
N SER B 230 1.67 5.10 -10.89
CA SER B 230 2.72 6.04 -11.12
C SER B 230 4.09 5.40 -10.84
N PRO B 231 5.03 5.55 -11.77
CA PRO B 231 6.34 4.90 -11.75
C PRO B 231 7.30 5.38 -10.69
N GLU B 232 7.12 6.65 -10.34
CA GLU B 232 7.92 7.36 -9.37
C GLU B 232 8.05 6.60 -8.07
N ASN B 233 6.99 5.90 -7.68
CA ASN B 233 7.04 5.16 -6.45
C ASN B 233 6.91 3.66 -6.66
N THR B 234 7.54 3.19 -7.72
CA THR B 234 7.62 1.77 -7.95
C THR B 234 8.94 1.44 -7.28
N ARG B 235 8.89 0.39 -6.48
CA ARG B 235 9.99 0.00 -5.62
C ARG B 235 10.59 -1.35 -5.99
N LYS B 236 11.89 -1.43 -6.16
CA LYS B 236 12.51 -2.74 -6.37
C LYS B 236 12.52 -3.47 -5.07
N GLU B 237 12.36 -4.79 -5.05
CA GLU B 237 12.56 -5.57 -3.82
C GLU B 237 12.79 -7.04 -4.08
N LEU B 238 13.60 -7.69 -3.23
CA LEU B 238 13.87 -9.12 -3.35
C LEU B 238 12.65 -9.97 -3.01
N PHE B 239 12.46 -10.88 -3.95
CA PHE B 239 11.41 -11.86 -3.92
C PHE B 239 12.23 -13.10 -3.65
N TYR B 240 11.97 -13.81 -2.58
CA TYR B 240 12.78 -14.99 -2.33
C TYR B 240 11.91 -16.07 -2.86
N LYS B 241 12.42 -16.66 -3.94
CA LYS B 241 11.71 -17.75 -4.54
C LYS B 241 12.08 -19.00 -3.78
N ALA B 242 11.05 -19.85 -3.66
CA ALA B 242 11.12 -21.18 -3.06
C ALA B 242 12.23 -22.08 -3.62
N ASP B 243 12.90 -21.69 -4.71
CA ASP B 243 14.10 -22.36 -5.21
C ASP B 243 15.29 -21.71 -4.49
N GLY B 244 15.12 -21.59 -3.17
CA GLY B 244 16.03 -20.99 -2.21
C GLY B 244 16.82 -19.80 -2.68
N GLU B 245 16.27 -18.86 -3.44
CA GLU B 245 17.10 -17.77 -3.93
C GLU B 245 16.36 -16.46 -3.94
N SER B 246 17.11 -15.39 -4.01
CA SER B 246 16.56 -14.06 -3.98
C SER B 246 16.53 -13.48 -5.38
N CYS B 247 15.42 -13.35 -6.07
CA CYS B 247 15.47 -12.70 -7.37
C CYS B 247 14.89 -11.33 -7.19
N SER B 248 15.32 -10.33 -7.95
CA SER B 248 14.80 -8.99 -7.74
C SER B 248 13.54 -8.74 -8.55
N ALA B 249 12.50 -8.21 -7.86
CA ALA B 249 11.17 -7.91 -8.38
C ALA B 249 10.97 -6.41 -8.48
N SER B 250 9.94 -5.86 -9.11
CA SER B 250 9.70 -4.43 -9.03
C SER B 250 8.23 -4.24 -8.73
N MET B 251 7.90 -3.79 -7.54
CA MET B 251 6.52 -3.63 -7.10
C MET B 251 5.94 -2.24 -7.41
N MET B 252 4.66 -2.13 -7.71
CA MET B 252 4.02 -0.86 -7.98
C MET B 252 3.06 -0.57 -6.82
N TYR B 253 2.84 0.69 -6.46
CA TYR B 253 1.97 1.05 -5.36
C TYR B 253 1.00 2.10 -5.83
N GLN B 254 -0.26 2.04 -5.44
CA GLN B 254 -1.18 3.12 -5.72
C GLN B 254 -2.32 3.01 -4.71
N GLU B 255 -3.18 4.00 -4.61
CA GLU B 255 -4.28 3.99 -3.68
C GLU B 255 -5.46 4.49 -4.46
N GLY B 256 -6.63 3.86 -4.35
CA GLY B 256 -7.80 4.32 -5.07
C GLY B 256 -8.98 3.42 -4.75
N LYS B 257 -10.16 3.72 -5.29
CA LYS B 257 -11.33 2.88 -5.06
C LYS B 257 -11.36 1.83 -6.14
N PHE B 258 -11.53 0.61 -5.70
CA PHE B 258 -11.43 -0.54 -6.55
C PHE B 258 -12.42 -1.54 -6.01
N ARG B 259 -12.98 -2.40 -6.85
CA ARG B 259 -13.93 -3.38 -6.40
C ARG B 259 -13.20 -4.48 -5.66
N TYR B 260 -13.34 -4.56 -4.35
CA TYR B 260 -12.62 -5.54 -3.57
C TYR B 260 -13.61 -6.42 -2.84
N ARG B 261 -13.16 -7.59 -2.39
CA ARG B 261 -13.90 -8.41 -1.46
C ARG B 261 -12.96 -9.47 -0.94
N ARG B 262 -12.88 -9.60 0.37
CA ARG B 262 -12.10 -10.66 0.96
C ARG B 262 -13.18 -11.73 1.20
N VAL B 263 -13.25 -12.72 0.33
CA VAL B 263 -14.24 -13.80 0.42
C VAL B 263 -13.78 -14.88 1.39
N ALA B 264 -14.59 -15.95 1.44
CA ALA B 264 -14.38 -17.11 2.28
C ALA B 264 -12.95 -17.59 2.37
N GLU B 265 -12.55 -17.94 3.59
CA GLU B 265 -11.20 -18.38 3.92
C GLU B 265 -10.16 -17.27 3.68
N GLY B 266 -10.67 -16.03 3.71
CA GLY B 266 -9.83 -14.86 3.66
C GLY B 266 -9.16 -14.66 2.31
N THR B 267 -9.70 -15.16 1.20
CA THR B 267 -9.05 -14.93 -0.05
C THR B 267 -9.54 -13.59 -0.59
N GLN B 268 -8.54 -12.80 -0.91
CA GLN B 268 -8.73 -11.46 -1.41
C GLN B 268 -9.04 -11.60 -2.91
N VAL B 269 -9.91 -10.77 -3.46
CA VAL B 269 -10.32 -10.80 -4.84
C VAL B 269 -10.30 -9.34 -5.22
N LEU B 270 -9.71 -8.95 -6.34
CA LEU B 270 -9.56 -7.53 -6.67
C LEU B 270 -9.82 -7.34 -8.15
N GLU B 271 -10.56 -6.33 -8.58
CA GLU B 271 -10.82 -6.18 -10.00
C GLU B 271 -10.36 -4.82 -10.52
N LEU B 272 -9.20 -4.78 -11.16
CA LEU B 272 -8.67 -3.56 -11.74
C LEU B 272 -9.26 -3.31 -13.12
N PRO B 273 -10.04 -2.27 -13.38
CA PRO B 273 -10.55 -1.96 -14.71
C PRO B 273 -9.61 -1.23 -15.66
N PHE B 274 -9.76 -1.54 -16.95
CA PHE B 274 -9.02 -0.87 -17.99
C PHE B 274 -9.92 0.23 -18.46
N LYS B 275 -9.35 1.19 -19.17
CA LYS B 275 -10.02 2.38 -19.65
C LYS B 275 -11.43 2.28 -20.25
N GLY B 276 -11.73 1.32 -21.11
CA GLY B 276 -13.06 1.21 -21.66
C GLY B 276 -14.10 0.74 -20.64
N ASP B 277 -13.70 0.34 -19.44
CA ASP B 277 -14.57 -0.19 -18.38
C ASP B 277 -15.36 -1.41 -18.83
N ASP B 278 -14.81 -2.11 -19.81
CA ASP B 278 -15.44 -3.29 -20.37
C ASP B 278 -14.54 -4.50 -20.24
N ILE B 279 -13.24 -4.23 -20.25
CA ILE B 279 -12.21 -5.25 -20.10
C ILE B 279 -11.63 -4.88 -18.74
N THR B 280 -11.39 -5.94 -18.02
CA THR B 280 -11.01 -5.90 -16.64
C THR B 280 -9.94 -6.93 -16.29
N MET B 281 -9.12 -6.66 -15.28
CA MET B 281 -8.20 -7.65 -14.77
C MET B 281 -8.68 -8.00 -13.37
N VAL B 282 -8.86 -9.29 -13.08
CA VAL B 282 -9.30 -9.74 -11.78
C VAL B 282 -8.11 -10.47 -11.18
N LEU B 283 -7.70 -10.20 -9.94
CA LEU B 283 -6.61 -10.94 -9.32
C LEU B 283 -7.24 -11.81 -8.23
N ILE B 284 -6.72 -13.01 -7.97
CA ILE B 284 -7.24 -13.81 -6.90
C ILE B 284 -5.99 -14.08 -6.09
N LEU B 285 -5.98 -13.66 -4.83
CA LEU B 285 -4.86 -13.88 -3.96
C LEU B 285 -5.39 -14.68 -2.79
N PRO B 286 -4.74 -15.78 -2.46
CA PRO B 286 -5.02 -16.56 -1.26
C PRO B 286 -4.69 -15.83 0.04
N LYS B 287 -5.32 -16.29 1.13
CA LYS B 287 -5.03 -15.79 2.47
C LYS B 287 -3.65 -16.40 2.79
N PRO B 288 -2.55 -15.65 2.97
CA PRO B 288 -1.17 -16.11 2.80
C PRO B 288 -0.81 -17.57 3.11
N LEU B 292 -3.61 -22.66 -1.52
CA LEU B 292 -2.90 -22.00 -2.59
C LEU B 292 -3.45 -22.58 -3.89
N ALA B 293 -3.11 -23.86 -4.12
CA ALA B 293 -3.62 -24.63 -5.23
C ALA B 293 -5.12 -24.78 -5.09
N LYS B 294 -5.55 -24.80 -3.83
CA LYS B 294 -6.94 -24.93 -3.42
C LYS B 294 -8.01 -24.26 -4.30
N VAL B 295 -7.93 -22.94 -4.53
CA VAL B 295 -8.95 -22.25 -5.32
C VAL B 295 -8.94 -22.74 -6.76
N GLU B 296 -7.77 -23.14 -7.27
CA GLU B 296 -7.65 -23.67 -8.61
C GLU B 296 -8.48 -24.93 -8.69
N LYS B 297 -8.31 -25.84 -7.74
CA LYS B 297 -9.06 -27.09 -7.73
C LYS B 297 -10.54 -26.89 -7.46
N GLU B 298 -10.95 -25.74 -6.93
CA GLU B 298 -12.34 -25.43 -6.68
C GLU B 298 -12.96 -24.45 -7.67
N LEU B 299 -12.20 -24.04 -8.69
CA LEU B 299 -12.68 -23.04 -9.63
C LEU B 299 -13.66 -23.52 -10.70
N THR B 300 -14.87 -23.05 -10.56
CA THR B 300 -15.88 -23.34 -11.54
C THR B 300 -16.30 -21.97 -12.08
N PRO B 301 -17.02 -21.89 -13.18
CA PRO B 301 -17.65 -20.65 -13.65
C PRO B 301 -18.62 -20.11 -12.63
N GLU B 302 -19.21 -21.02 -11.84
CA GLU B 302 -20.14 -20.67 -10.79
C GLU B 302 -19.44 -19.85 -9.72
N VAL B 303 -18.42 -20.45 -9.12
CA VAL B 303 -17.56 -19.80 -8.12
C VAL B 303 -17.15 -18.39 -8.53
N LEU B 304 -16.47 -18.31 -9.68
CA LEU B 304 -15.96 -17.08 -10.25
C LEU B 304 -17.06 -16.01 -10.31
N GLN B 305 -18.26 -16.46 -10.68
CA GLN B 305 -19.38 -15.56 -10.79
C GLN B 305 -19.75 -15.10 -9.39
N GLU B 306 -19.91 -16.01 -8.44
CA GLU B 306 -20.34 -15.62 -7.12
C GLU B 306 -19.40 -14.62 -6.46
N TRP B 307 -18.09 -14.89 -6.56
CA TRP B 307 -17.09 -13.99 -6.03
C TRP B 307 -17.32 -12.65 -6.68
N LEU B 308 -17.28 -12.59 -8.01
CA LEU B 308 -17.38 -11.33 -8.71
C LEU B 308 -18.68 -10.62 -8.41
N ASP B 309 -19.70 -11.40 -8.04
CA ASP B 309 -20.98 -10.84 -7.68
C ASP B 309 -20.88 -10.13 -6.34
N GLU B 310 -20.20 -10.65 -5.31
CA GLU B 310 -20.19 -9.93 -4.05
C GLU B 310 -19.04 -8.94 -3.88
N LEU B 311 -18.60 -8.29 -4.95
CA LEU B 311 -17.54 -7.32 -4.81
C LEU B 311 -18.16 -6.02 -4.38
N GLU B 312 -17.40 -5.22 -3.65
CA GLU B 312 -17.83 -3.92 -3.14
C GLU B 312 -16.86 -2.87 -3.65
N GLU B 313 -17.27 -1.63 -3.93
CA GLU B 313 -16.34 -0.58 -4.33
C GLU B 313 -15.80 -0.05 -3.02
N MET B 314 -14.52 -0.26 -2.73
CA MET B 314 -13.92 0.18 -1.48
C MET B 314 -12.65 0.91 -1.84
N MET B 315 -11.94 1.48 -0.86
CA MET B 315 -10.71 2.17 -1.17
C MET B 315 -9.60 1.27 -0.68
N LEU B 316 -8.52 1.16 -1.46
CA LEU B 316 -7.40 0.31 -1.10
C LEU B 316 -6.11 0.95 -1.54
N VAL B 317 -5.07 0.29 -1.01
CA VAL B 317 -3.69 0.51 -1.41
C VAL B 317 -3.38 -0.78 -2.15
N VAL B 318 -2.90 -0.70 -3.39
CA VAL B 318 -2.61 -1.89 -4.17
C VAL B 318 -1.10 -2.00 -4.34
N HIS B 319 -0.59 -3.23 -4.25
CA HIS B 319 0.80 -3.49 -4.51
C HIS B 319 0.77 -4.68 -5.44
N MET B 320 1.31 -4.50 -6.64
CA MET B 320 1.28 -5.52 -7.67
C MET B 320 2.61 -5.40 -8.42
N PRO B 321 3.27 -6.49 -8.81
CA PRO B 321 4.54 -6.42 -9.52
C PRO B 321 4.43 -6.00 -10.99
N ARG B 322 5.41 -5.27 -11.49
CA ARG B 322 5.53 -4.96 -12.90
C ARG B 322 6.26 -6.20 -13.41
N PHE B 323 5.69 -6.92 -14.40
CA PHE B 323 6.25 -8.19 -14.85
C PHE B 323 5.81 -8.49 -16.27
N ARG B 324 6.41 -9.51 -16.86
CA ARG B 324 6.06 -10.00 -18.18
C ARG B 324 6.12 -11.51 -18.02
N ILE B 325 5.21 -12.27 -18.60
CA ILE B 325 5.16 -13.72 -18.43
C ILE B 325 4.83 -14.21 -19.85
N GLU B 326 5.44 -15.32 -20.27
CA GLU B 326 5.26 -15.90 -21.59
C GLU B 326 5.11 -17.39 -21.37
N ASP B 327 4.18 -18.06 -22.02
CA ASP B 327 4.02 -19.48 -21.81
C ASP B 327 3.49 -20.11 -23.07
N GLY B 328 3.95 -21.31 -23.39
CA GLY B 328 3.58 -22.00 -24.61
C GLY B 328 3.60 -23.50 -24.36
N PHE B 329 2.75 -24.27 -25.01
CA PHE B 329 2.60 -25.67 -24.72
C PHE B 329 1.79 -26.39 -25.77
N SER B 330 1.96 -27.70 -25.87
CA SER B 330 1.16 -28.49 -26.80
C SER B 330 -0.16 -28.81 -26.10
N LEU B 331 -1.27 -28.58 -26.81
CA LEU B 331 -2.60 -28.85 -26.29
C LEU B 331 -2.94 -30.33 -26.24
N LYS B 332 -2.09 -31.18 -26.81
CA LYS B 332 -2.43 -32.58 -27.05
C LYS B 332 -3.03 -33.45 -25.94
N GLU B 333 -2.24 -33.88 -24.95
CA GLU B 333 -2.72 -34.85 -23.96
C GLU B 333 -3.92 -34.37 -23.19
N GLN B 334 -3.85 -33.16 -22.66
CA GLN B 334 -4.88 -32.61 -21.82
C GLN B 334 -6.22 -32.70 -22.51
N LEU B 335 -6.21 -32.26 -23.76
CA LEU B 335 -7.40 -32.24 -24.56
C LEU B 335 -7.90 -33.66 -24.77
N GLN B 336 -6.99 -34.57 -25.10
CA GLN B 336 -7.34 -35.95 -25.32
C GLN B 336 -8.02 -36.53 -24.09
N ASP B 337 -7.37 -36.52 -22.93
CA ASP B 337 -7.94 -37.09 -21.74
C ASP B 337 -8.93 -36.19 -21.04
N MET B 338 -9.29 -35.10 -21.71
CA MET B 338 -10.48 -34.40 -21.29
C MET B 338 -11.63 -35.11 -21.98
N GLY B 339 -11.35 -35.77 -23.10
CA GLY B 339 -12.33 -36.56 -23.83
C GLY B 339 -12.03 -36.62 -25.32
N LEU B 340 -11.24 -35.66 -25.84
CA LEU B 340 -10.98 -35.54 -27.26
C LEU B 340 -9.85 -36.46 -27.71
N VAL B 341 -10.22 -37.72 -27.79
CA VAL B 341 -9.28 -38.76 -28.13
C VAL B 341 -9.14 -38.91 -29.63
N ASP B 342 -10.28 -39.13 -30.28
CA ASP B 342 -10.37 -39.45 -31.70
C ASP B 342 -9.65 -38.50 -32.64
N LEU B 343 -9.82 -37.19 -32.47
CA LEU B 343 -9.21 -36.20 -33.34
C LEU B 343 -7.68 -36.30 -33.52
N PHE B 344 -6.92 -36.84 -32.58
CA PHE B 344 -5.48 -36.85 -32.69
C PHE B 344 -4.96 -38.20 -33.14
N SER B 345 -5.90 -39.11 -33.33
CA SER B 345 -5.56 -40.51 -33.52
C SER B 345 -5.99 -41.12 -34.85
N PRO B 346 -5.00 -41.42 -35.70
CA PRO B 346 -5.11 -41.50 -37.17
C PRO B 346 -6.20 -42.38 -37.72
N GLU B 347 -6.35 -43.53 -37.06
CA GLU B 347 -7.31 -44.54 -37.47
C GLU B 347 -8.74 -44.20 -37.05
N LYS B 348 -8.97 -43.12 -36.29
CA LYS B 348 -10.32 -42.80 -35.81
C LYS B 348 -10.84 -41.41 -36.19
N SER B 349 -9.92 -40.50 -36.53
CA SER B 349 -10.24 -39.11 -36.82
C SER B 349 -11.19 -38.87 -37.98
N LYS B 350 -12.50 -38.91 -37.77
CA LYS B 350 -13.45 -38.63 -38.85
C LYS B 350 -13.50 -37.18 -39.34
N LEU B 351 -12.52 -36.75 -40.15
CA LEU B 351 -12.50 -35.39 -40.71
C LEU B 351 -12.75 -35.35 -42.23
N PRO B 352 -13.96 -35.50 -42.77
CA PRO B 352 -14.27 -35.36 -44.18
C PRO B 352 -14.14 -33.95 -44.73
N GLY B 353 -14.99 -33.06 -44.22
CA GLY B 353 -15.21 -31.72 -44.75
C GLY B 353 -14.07 -30.86 -45.32
N ILE B 354 -12.79 -31.14 -45.09
CA ILE B 354 -11.74 -30.24 -45.49
C ILE B 354 -11.18 -30.44 -46.89
N VAL B 355 -10.61 -31.58 -47.31
CA VAL B 355 -10.00 -31.63 -48.65
C VAL B 355 -10.93 -32.21 -49.72
N LEU B 362 -7.64 -37.97 -42.75
CA LEU B 362 -7.14 -36.76 -42.10
C LEU B 362 -7.39 -36.76 -40.61
N TYR B 363 -6.28 -36.65 -39.91
CA TYR B 363 -6.26 -36.65 -38.46
C TYR B 363 -5.58 -35.35 -38.10
N VAL B 364 -5.77 -34.88 -36.86
CA VAL B 364 -5.02 -33.75 -36.33
C VAL B 364 -3.90 -34.47 -35.64
N SER B 365 -2.73 -33.89 -35.74
CA SER B 365 -1.57 -34.53 -35.18
C SER B 365 -1.21 -34.03 -33.80
N ASP B 366 -1.19 -32.69 -33.66
CA ASP B 366 -0.85 -32.00 -32.44
C ASP B 366 -1.26 -30.55 -32.51
N ALA B 367 -1.86 -29.96 -31.49
CA ALA B 367 -2.17 -28.53 -31.47
C ALA B 367 -1.15 -27.82 -30.60
N PHE B 368 -0.71 -26.60 -30.89
CA PHE B 368 0.25 -25.90 -30.05
C PHE B 368 -0.30 -24.55 -29.63
N HIS B 369 0.03 -24.06 -28.44
CA HIS B 369 -0.48 -22.79 -27.95
C HIS B 369 0.65 -21.97 -27.37
N LYS B 370 0.58 -20.66 -27.43
CA LYS B 370 1.56 -19.84 -26.77
C LYS B 370 0.82 -18.54 -26.46
N ALA B 371 1.19 -17.82 -25.39
CA ALA B 371 0.52 -16.61 -24.93
C ALA B 371 1.56 -15.72 -24.27
N PHE B 372 1.23 -14.44 -24.12
CA PHE B 372 2.14 -13.45 -23.55
C PHE B 372 1.33 -12.49 -22.71
N LEU B 373 1.88 -11.92 -21.65
CA LEU B 373 1.24 -10.90 -20.82
C LEU B 373 2.34 -10.02 -20.30
N GLU B 374 2.06 -8.73 -20.11
CA GLU B 374 3.01 -7.81 -19.47
C GLU B 374 2.23 -6.70 -18.77
N VAL B 375 2.39 -6.62 -17.45
CA VAL B 375 1.68 -5.68 -16.60
C VAL B 375 2.70 -4.61 -16.33
N ASN B 376 2.26 -3.37 -16.35
CA ASN B 376 3.17 -2.27 -16.11
C ASN B 376 2.33 -1.13 -15.57
N GLU B 377 3.00 0.00 -15.41
CA GLU B 377 2.45 1.23 -14.89
C GLU B 377 1.21 1.76 -15.63
N GLU B 378 1.28 1.82 -16.96
CA GLU B 378 0.23 2.37 -17.78
C GLU B 378 -0.88 1.38 -18.11
N GLY B 379 -0.56 0.09 -18.25
CA GLY B 379 -1.57 -0.92 -18.59
C GLY B 379 -0.95 -2.29 -18.80
N SER B 380 -1.58 -3.12 -19.65
CA SER B 380 -1.02 -4.41 -20.00
C SER B 380 -1.36 -4.79 -21.43
N GLU B 381 -0.50 -5.64 -21.99
CA GLU B 381 -0.56 -6.10 -23.37
C GLU B 381 -0.49 -7.62 -23.23
N ALA B 382 -1.32 -8.33 -24.00
CA ALA B 382 -1.37 -9.78 -23.96
C ALA B 382 -1.67 -10.35 -25.35
N ALA B 383 -1.22 -11.56 -25.65
CA ALA B 383 -1.38 -12.09 -26.98
C ALA B 383 -1.38 -13.60 -26.94
N ALA B 384 -1.97 -14.26 -27.92
CA ALA B 384 -2.02 -15.69 -27.96
C ALA B 384 -2.43 -16.24 -29.31
N SER B 385 -1.96 -17.45 -29.56
CA SER B 385 -2.32 -18.21 -30.74
C SER B 385 -2.44 -19.68 -30.39
N THR B 386 -3.28 -20.31 -31.18
CA THR B 386 -3.45 -21.75 -31.17
C THR B 386 -3.24 -22.06 -32.65
N ALA B 387 -2.46 -23.09 -32.88
CA ALA B 387 -2.17 -23.52 -34.20
C ALA B 387 -2.48 -25.00 -34.14
N VAL B 388 -3.48 -25.43 -34.89
CA VAL B 388 -3.86 -26.83 -35.03
C VAL B 388 -3.20 -27.26 -36.33
N VAL B 389 -2.36 -28.28 -36.25
CA VAL B 389 -1.64 -28.82 -37.37
C VAL B 389 -2.33 -30.13 -37.67
N ILE B 390 -2.75 -30.31 -38.93
CA ILE B 390 -3.39 -31.57 -39.27
C ILE B 390 -2.43 -32.71 -39.60
N ALA B 391 -1.91 -33.14 -40.75
CA ALA B 391 -1.16 -34.39 -40.72
C ALA B 391 0.33 -34.40 -40.37
N GLY B 392 0.81 -33.44 -39.58
CA GLY B 392 2.25 -33.35 -39.33
C GLY B 392 2.71 -34.03 -38.05
N ARG B 393 3.75 -34.85 -38.07
CA ARG B 393 4.24 -35.54 -36.87
C ARG B 393 4.26 -34.77 -35.54
N SER B 394 3.61 -35.45 -34.59
CA SER B 394 3.51 -34.97 -33.23
C SER B 394 4.88 -34.97 -32.55
N LEU B 395 5.05 -34.06 -31.60
CA LEU B 395 6.29 -33.93 -30.86
C LEU B 395 5.95 -33.15 -29.59
N ASN B 396 6.97 -32.93 -28.74
CA ASN B 396 6.91 -32.05 -27.57
C ASN B 396 5.82 -32.40 -26.57
N ASN B 405 1.68 -16.98 -0.68
CA ASN B 405 3.01 -16.46 -0.40
C ASN B 405 3.77 -16.12 -1.69
N ARG B 406 3.56 -16.85 -2.80
CA ARG B 406 4.20 -16.53 -4.06
C ARG B 406 3.10 -16.37 -5.11
N PRO B 407 2.42 -17.40 -5.69
CA PRO B 407 1.63 -17.25 -6.90
C PRO B 407 0.21 -16.71 -6.74
N PHE B 408 -0.29 -15.90 -7.68
CA PHE B 408 -1.67 -15.44 -7.64
C PHE B 408 -2.38 -15.74 -8.96
N LEU B 409 -3.71 -15.69 -9.03
CA LEU B 409 -4.38 -15.93 -10.29
C LEU B 409 -4.69 -14.59 -10.91
N VAL B 410 -4.65 -14.56 -12.24
CA VAL B 410 -5.00 -13.36 -13.00
C VAL B 410 -5.97 -13.83 -14.09
N PHE B 411 -6.99 -13.03 -14.35
CA PHE B 411 -8.02 -13.30 -15.33
C PHE B 411 -8.18 -11.98 -16.03
N ILE B 412 -8.27 -11.90 -17.35
CA ILE B 412 -8.54 -10.65 -18.00
C ILE B 412 -9.85 -10.96 -18.68
N ARG B 413 -10.94 -10.43 -18.12
CA ARG B 413 -12.27 -10.73 -18.59
C ARG B 413 -12.95 -9.52 -19.24
N GLU B 414 -13.88 -9.78 -20.17
CA GLU B 414 -14.67 -8.73 -20.80
C GLU B 414 -16.02 -8.90 -20.14
N VAL B 415 -16.41 -7.96 -19.27
CA VAL B 415 -17.61 -8.14 -18.46
C VAL B 415 -18.95 -8.29 -19.19
N PRO B 416 -19.42 -7.48 -20.16
CA PRO B 416 -20.73 -7.62 -20.80
C PRO B 416 -21.09 -9.03 -21.26
N LEU B 417 -20.13 -9.75 -21.85
CA LEU B 417 -20.41 -11.07 -22.37
C LEU B 417 -19.75 -12.14 -21.53
N ASN B 418 -19.21 -11.77 -20.36
CA ASN B 418 -18.46 -12.63 -19.43
C ASN B 418 -17.40 -13.57 -20.06
N THR B 419 -16.79 -13.04 -21.11
CA THR B 419 -15.79 -13.77 -21.87
C THR B 419 -14.46 -13.72 -21.14
N ILE B 420 -14.01 -14.86 -20.60
CA ILE B 420 -12.67 -14.94 -20.05
C ILE B 420 -11.85 -14.99 -21.33
N ILE B 421 -10.98 -14.02 -21.58
CA ILE B 421 -10.23 -14.12 -22.81
C ILE B 421 -8.80 -14.55 -22.48
N PHE B 422 -8.19 -14.10 -21.39
CA PHE B 422 -6.85 -14.52 -20.97
C PHE B 422 -6.99 -15.00 -19.54
N MET B 423 -6.24 -15.98 -19.10
CA MET B 423 -6.32 -16.57 -17.77
C MET B 423 -4.93 -17.10 -17.44
N GLY B 424 -4.48 -16.97 -16.20
CA GLY B 424 -3.17 -17.46 -15.87
C GLY B 424 -2.95 -17.49 -14.38
N ARG B 425 -1.71 -17.83 -14.10
CA ARG B 425 -1.17 -17.97 -12.77
C ARG B 425 0.15 -17.22 -12.88
N VAL B 426 0.45 -16.24 -12.02
CA VAL B 426 1.73 -15.52 -12.05
C VAL B 426 2.49 -16.02 -10.84
N ALA B 427 3.72 -16.49 -10.94
CA ALA B 427 4.43 -16.91 -9.75
C ALA B 427 5.66 -16.01 -9.66
N ASN B 428 6.70 -16.25 -10.45
CA ASN B 428 7.91 -15.44 -10.44
C ASN B 428 7.69 -14.17 -11.23
N PRO B 429 7.89 -12.97 -10.68
CA PRO B 429 7.81 -11.71 -11.38
C PRO B 429 9.15 -10.99 -11.49
N CYS B 430 10.24 -11.72 -11.41
CA CYS B 430 11.55 -11.13 -11.40
C CYS B 430 12.07 -10.68 -12.75
#